data_5A2Y
#
_entry.id   5A2Y
#
_cell.length_a   59.710
_cell.length_b   93.830
_cell.length_c   192.436
_cell.angle_alpha   90.00
_cell.angle_beta   90.00
_cell.angle_gamma   90.00
#
_symmetry.space_group_name_H-M   'P 21 21 21'
#
loop_
_entity.id
_entity.type
_entity.pdbx_description
1 polymer 'MITOCHONDRIAL PROTEIN'
2 non-polymer "URIDINE 5'-TRIPHOSPHATE"
3 non-polymer 'MAGNESIUM ION'
4 water water
#
_entity_poly.entity_id   1
_entity_poly.type   'polypeptide(L)'
_entity_poly.pdbx_seq_one_letter_code
;MHHHHHHSSGVDLGTENLYFQSMAGGAEETDAEVSARKKTFTEVQTERLEQADRSVLIKCPSKLNEKKLLQYLSSHGKID
NYFFFENRGIHALIEFSEKSSVASLQAVTGIPKAAEHHVVPYKSRLFTFTLKNPGSQAAEERPVKISPQSHIPVNELIPK
LCHADSISSQMYILLNEYQLTEENIKLRYLACSLVRDFARAYFPDSTVKPFGSSVNTFGKLGCDVDMFLDFHDIQKHATK
MKKGPFEMEYQMKRLPSERLATQKILSIIGDCLDNFGPGYSSVQKILNARCPLVKFSHQPTGFQCDLSVSNSIAIRCSEL
LYIYGCLDPRVRALVFSLRCWARVHGLTNSVPGTWITNFSLTMMIMFFLQKRSPPIIPTLDQLKELADEKDKHVIGGYDC
SFVSDLSKIKPTKNTETLDELLCDFFQYFGNFDFRKNSLNLRKGKEVNKPESSPLYIWNPFEQDLNISKNVNQPQLEKFV
AMARESAWILQKEDKTQQMINKEPWGLAAVLIPFGKSNPNTMKSRTKGIGSETIKSLLDSLKLSDANNLQKAVGK
;
_entity_poly.pdbx_strand_id   A,B
#
loop_
_chem_comp.id
_chem_comp.type
_chem_comp.name
_chem_comp.formula
MG non-polymer 'MAGNESIUM ION' 'Mg 2'
UTP non-polymer 'URIDINE 5'-TRIPHOSPHATE' 'C9 H15 N2 O15 P3'
#
# COMPACT_ATOMS: atom_id res chain seq x y z
N LYS A 39 -14.13 12.47 -32.06
CA LYS A 39 -14.21 12.53 -30.57
C LYS A 39 -15.26 11.54 -30.02
N THR A 40 -14.94 10.24 -30.07
CA THR A 40 -15.78 9.24 -29.43
C THR A 40 -15.62 9.31 -27.91
N PHE A 41 -16.58 8.76 -27.19
CA PHE A 41 -16.53 8.73 -25.72
C PHE A 41 -15.24 8.10 -25.21
N THR A 42 -14.82 7.01 -25.85
CA THR A 42 -13.62 6.28 -25.42
C THR A 42 -12.34 7.04 -25.74
N GLU A 43 -12.29 7.67 -26.91
CA GLU A 43 -11.17 8.54 -27.26
C GLU A 43 -11.02 9.68 -26.26
N VAL A 44 -12.14 10.29 -25.87
CA VAL A 44 -12.14 11.38 -24.89
C VAL A 44 -11.60 10.91 -23.54
N GLN A 45 -12.11 9.79 -23.04
CA GLN A 45 -11.66 9.21 -21.76
C GLN A 45 -10.14 9.03 -21.74
N THR A 46 -9.62 8.42 -22.80
CA THR A 46 -8.20 8.16 -22.90
C THR A 46 -7.39 9.44 -22.94
N GLU A 47 -7.88 10.44 -23.68
CA GLU A 47 -7.19 11.71 -23.77
C GLU A 47 -7.23 12.45 -22.43
N ARG A 48 -8.39 12.44 -21.77
CA ARG A 48 -8.57 13.08 -20.46
C ARG A 48 -7.73 12.42 -19.37
N LEU A 49 -7.58 11.10 -19.43
CA LEU A 49 -6.79 10.38 -18.42
C LEU A 49 -5.30 10.59 -18.60
N GLU A 50 -4.85 10.63 -19.85
CA GLU A 50 -3.45 10.84 -20.14
C GLU A 50 -3.05 12.25 -19.69
N GLN A 51 -3.95 13.21 -19.86
CA GLN A 51 -3.75 14.57 -19.37
C GLN A 51 -3.68 14.64 -17.84
N ALA A 52 -4.53 13.86 -17.17
CA ALA A 52 -4.52 13.78 -15.72
C ALA A 52 -3.26 13.08 -15.22
N ASP A 53 -2.75 12.16 -16.03
CA ASP A 53 -1.54 11.40 -15.71
C ASP A 53 -0.35 12.31 -15.49
N ARG A 54 -0.30 13.41 -16.24
CA ARG A 54 0.80 14.35 -16.19
C ARG A 54 0.35 15.69 -15.62
N SER A 55 -0.42 15.62 -14.54
CA SER A 55 -0.94 16.80 -13.86
C SER A 55 -0.68 16.71 -12.37
N VAL A 56 -0.49 17.87 -11.74
CA VAL A 56 -0.23 17.95 -10.31
C VAL A 56 -1.10 19.02 -9.66
N LEU A 57 -1.26 18.89 -8.34
CA LEU A 57 -1.95 19.89 -7.54
C LEU A 57 -0.94 20.57 -6.63
N ILE A 58 -1.05 21.90 -6.50
CA ILE A 58 -0.12 22.69 -5.70
C ILE A 58 -0.88 23.61 -4.77
N LYS A 59 -0.69 23.46 -3.47
CA LYS A 59 -1.21 24.42 -2.50
C LYS A 59 -0.36 25.67 -2.55
N CYS A 60 -0.93 26.75 -3.07
CA CYS A 60 -0.20 28.00 -3.26
C CYS A 60 -0.09 28.74 -1.94
N PRO A 61 0.96 29.59 -1.80
CA PRO A 61 1.07 30.46 -0.64
C PRO A 61 0.09 31.61 -0.74
N SER A 62 -0.30 32.19 0.41
CA SER A 62 -1.29 33.27 0.47
C SER A 62 -0.93 34.41 -0.49
N LYS A 63 0.34 34.82 -0.44
CA LYS A 63 0.87 35.87 -1.31
C LYS A 63 1.46 35.22 -2.56
N LEU A 64 0.73 35.30 -3.67
CA LEU A 64 1.04 34.54 -4.87
C LEU A 64 1.37 35.41 -6.09
N ASN A 65 2.52 35.14 -6.70
CA ASN A 65 2.88 35.74 -7.98
C ASN A 65 2.78 34.68 -9.07
N GLU A 66 1.78 34.83 -9.93
CA GLU A 66 1.47 33.80 -10.92
C GLU A 66 2.66 33.51 -11.84
N LYS A 67 3.23 34.55 -12.42
CA LYS A 67 4.32 34.38 -13.40
C LYS A 67 5.56 33.69 -12.81
N LYS A 68 5.96 34.12 -11.61
CA LYS A 68 7.09 33.49 -10.91
C LYS A 68 6.90 31.98 -10.82
N LEU A 69 5.74 31.58 -10.31
CA LEU A 69 5.40 30.18 -10.10
C LEU A 69 5.45 29.38 -11.40
N LEU A 70 4.86 29.95 -12.45
CA LEU A 70 4.82 29.26 -13.74
C LEU A 70 6.18 29.25 -14.41
N GLN A 71 6.85 30.41 -14.45
CA GLN A 71 8.19 30.48 -15.01
C GLN A 71 9.10 29.48 -14.32
N TYR A 72 8.98 29.36 -13.00
CA TYR A 72 9.75 28.36 -12.28
C TYR A 72 9.34 26.95 -12.70
N LEU A 73 8.06 26.65 -12.62
CA LEU A 73 7.55 25.31 -12.98
C LEU A 73 7.89 24.92 -14.41
N SER A 74 7.94 25.93 -15.30
CA SER A 74 8.33 25.73 -16.69
C SER A 74 9.74 25.13 -16.84
N SER A 75 10.58 25.34 -15.83
CA SER A 75 11.94 24.78 -15.82
C SER A 75 11.93 23.25 -15.81
N HIS A 76 10.87 22.65 -15.31
CA HIS A 76 10.73 21.19 -15.31
C HIS A 76 10.12 20.65 -16.60
N GLY A 77 9.59 21.56 -17.43
CA GLY A 77 9.01 21.20 -18.71
C GLY A 77 7.88 22.14 -19.09
N LYS A 78 7.42 22.04 -20.33
CA LYS A 78 6.35 22.90 -20.82
C LYS A 78 5.03 22.62 -20.10
N ILE A 79 4.23 23.67 -19.91
CA ILE A 79 2.92 23.55 -19.27
C ILE A 79 1.84 23.83 -20.30
N ASP A 80 0.99 22.84 -20.57
CA ASP A 80 -0.12 23.00 -21.51
C ASP A 80 -1.23 23.86 -20.93
N ASN A 81 -1.78 23.43 -19.79
CA ASN A 81 -2.86 24.16 -19.13
C ASN A 81 -2.58 24.35 -17.65
N TYR A 82 -3.26 25.33 -17.08
CA TYR A 82 -3.29 25.49 -15.64
C TYR A 82 -4.44 26.41 -15.25
N PHE A 83 -4.90 26.26 -14.02
CA PHE A 83 -5.87 27.19 -13.47
C PHE A 83 -5.76 27.14 -11.95
N PHE A 84 -6.44 28.06 -11.29
CA PHE A 84 -6.45 28.14 -9.84
C PHE A 84 -7.88 27.99 -9.33
N PHE A 85 -8.03 27.61 -8.07
CA PHE A 85 -9.34 27.52 -7.46
C PHE A 85 -9.28 27.63 -5.94
N GLU A 86 -10.39 28.05 -5.35
CA GLU A 86 -10.48 28.30 -3.92
C GLU A 86 -11.07 27.08 -3.21
N ASN A 87 -10.34 26.56 -2.22
CA ASN A 87 -10.84 25.50 -1.36
C ASN A 87 -9.95 25.42 -0.11
N ARG A 88 -10.38 26.10 0.95
CA ARG A 88 -9.54 26.31 2.12
C ARG A 88 -8.17 26.83 1.66
N GLY A 89 -8.18 27.98 0.99
CA GLY A 89 -6.99 28.55 0.38
C GLY A 89 -6.89 28.24 -1.10
N ILE A 90 -5.89 28.84 -1.75
CA ILE A 90 -5.75 28.76 -3.20
C ILE A 90 -4.93 27.54 -3.59
N HIS A 91 -5.48 26.74 -4.51
CA HIS A 91 -4.75 25.63 -5.11
C HIS A 91 -4.60 25.88 -6.60
N ALA A 92 -3.67 25.17 -7.22
CA ALA A 92 -3.46 25.27 -8.66
C ALA A 92 -3.33 23.89 -9.29
N LEU A 93 -4.08 23.66 -10.36
CA LEU A 93 -3.87 22.48 -11.19
C LEU A 93 -2.90 22.87 -12.30
N ILE A 94 -1.81 22.12 -12.41
CA ILE A 94 -0.82 22.32 -13.46
C ILE A 94 -0.78 21.07 -14.32
N GLU A 95 -0.89 21.23 -15.63
CA GLU A 95 -0.86 20.13 -16.57
C GLU A 95 0.37 20.26 -17.48
N PHE A 96 1.35 19.39 -17.29
CA PHE A 96 2.56 19.39 -18.13
C PHE A 96 2.32 18.68 -19.45
N SER A 97 3.15 18.97 -20.44
CA SER A 97 3.08 18.31 -21.74
C SER A 97 3.69 16.91 -21.70
N GLU A 98 4.71 16.71 -20.88
CA GLU A 98 5.41 15.44 -20.75
C GLU A 98 5.21 14.90 -19.35
N LYS A 99 5.06 13.59 -19.20
CA LYS A 99 4.95 12.97 -17.89
C LYS A 99 6.30 13.01 -17.14
N SER A 100 7.39 13.08 -17.89
CA SER A 100 8.73 13.22 -17.31
C SER A 100 8.86 14.48 -16.45
N SER A 101 8.09 15.52 -16.77
CA SER A 101 8.08 16.76 -15.98
C SER A 101 7.63 16.55 -14.54
N VAL A 102 6.73 15.59 -14.32
CA VAL A 102 6.24 15.28 -12.98
C VAL A 102 7.34 14.63 -12.15
N ALA A 103 8.10 13.73 -12.78
CA ALA A 103 9.26 13.11 -12.15
C ALA A 103 10.30 14.18 -11.79
N SER A 104 10.64 14.99 -12.79
CA SER A 104 11.54 16.14 -12.63
C SER A 104 11.13 17.05 -11.47
N LEU A 105 9.84 17.35 -11.34
CA LEU A 105 9.37 18.17 -10.23
C LEU A 105 9.49 17.41 -8.90
N GLN A 106 9.16 16.13 -8.91
CA GLN A 106 9.24 15.30 -7.71
C GLN A 106 10.68 15.16 -7.23
N ALA A 107 11.61 15.15 -8.18
CA ALA A 107 13.04 15.04 -7.86
C ALA A 107 13.51 16.14 -6.91
N VAL A 108 13.02 17.36 -7.10
CA VAL A 108 13.42 18.51 -6.28
C VAL A 108 12.45 18.78 -5.12
N THR A 109 11.60 17.80 -4.82
CA THR A 109 10.61 17.97 -3.76
C THR A 109 11.06 17.21 -2.53
N GLY A 110 10.80 17.80 -1.35
CA GLY A 110 11.26 17.25 -0.09
C GLY A 110 10.15 16.93 0.89
N ILE A 111 10.50 16.18 1.93
CA ILE A 111 9.56 15.84 3.00
C ILE A 111 9.64 16.96 4.03
N PRO A 112 8.48 17.39 4.58
CA PRO A 112 8.48 18.48 5.56
C PRO A 112 9.50 18.29 6.69
N LYS A 113 10.45 19.21 6.80
CA LYS A 113 11.59 19.04 7.68
C LYS A 113 11.16 18.99 9.14
N ALA A 114 10.31 19.95 9.53
CA ALA A 114 9.84 20.06 10.91
C ALA A 114 9.16 18.79 11.45
N ALA A 115 8.62 17.96 10.56
CA ALA A 115 7.92 16.73 10.95
C ALA A 115 8.36 15.52 10.12
N GLU A 116 9.65 15.41 9.85
CA GLU A 116 10.18 14.31 9.01
C GLU A 116 9.97 12.90 9.60
N HIS A 117 9.68 12.83 10.90
CA HIS A 117 9.42 11.54 11.56
C HIS A 117 7.97 11.35 11.98
N HIS A 118 7.16 12.41 11.94
CA HIS A 118 5.76 12.33 12.35
C HIS A 118 4.82 12.42 11.15
N VAL A 119 5.17 11.72 10.07
CA VAL A 119 4.36 11.69 8.85
C VAL A 119 4.51 10.35 8.16
N VAL A 120 3.48 9.96 7.44
CA VAL A 120 3.56 8.80 6.57
C VAL A 120 4.18 9.29 5.28
N PRO A 121 5.40 8.83 4.97
CA PRO A 121 6.11 9.35 3.80
C PRO A 121 5.60 8.79 2.46
N TYR A 122 4.32 8.94 2.19
CA TYR A 122 3.77 8.60 0.88
C TYR A 122 3.88 9.81 -0.05
N LYS A 123 4.63 9.65 -1.14
CA LYS A 123 4.81 10.71 -2.13
C LYS A 123 3.81 10.59 -3.28
N SER A 124 2.99 11.62 -3.46
CA SER A 124 2.01 11.66 -4.55
C SER A 124 2.28 12.89 -5.41
N ARG A 125 1.22 13.46 -6.00
CA ARG A 125 1.33 14.68 -6.78
C ARG A 125 0.54 15.83 -6.14
N LEU A 126 0.51 15.86 -4.80
CA LEU A 126 -0.06 16.96 -4.04
C LEU A 126 1.08 17.72 -3.35
N PHE A 127 1.35 18.93 -3.81
CA PHE A 127 2.52 19.71 -3.36
C PHE A 127 2.11 20.94 -2.57
N THR A 128 3.08 21.50 -1.85
CA THR A 128 2.92 22.76 -1.14
C THR A 128 4.14 23.63 -1.45
N PHE A 129 3.90 24.83 -1.97
CA PHE A 129 4.99 25.72 -2.40
C PHE A 129 5.22 26.96 -1.54
N THR A 130 6.21 26.87 -0.66
CA THR A 130 6.62 27.99 0.18
C THR A 130 7.95 28.59 -0.34
N LEU A 131 8.34 29.73 0.22
CA LEU A 131 9.48 30.49 -0.28
C LEU A 131 10.77 30.20 0.49
N LYS A 132 11.90 30.09 -0.22
CA LYS A 132 13.20 29.89 0.41
C LYS A 132 13.52 31.06 1.32
N ASN A 133 13.48 32.25 0.73
CA ASN A 133 13.70 33.49 1.46
C ASN A 133 12.41 34.32 1.43
N PRO A 134 11.54 34.14 2.45
CA PRO A 134 10.31 34.93 2.52
C PRO A 134 10.58 36.44 2.47
N GLY A 135 11.74 36.85 2.95
CA GLY A 135 12.23 38.20 2.81
C GLY A 135 12.37 38.64 1.36
N SER A 136 12.93 37.76 0.52
CA SER A 136 13.20 38.12 -0.87
C SER A 136 12.04 37.79 -1.81
N GLN A 137 10.89 38.44 -1.55
CA GLN A 137 9.80 38.51 -2.52
C GLN A 137 10.07 39.78 -3.32
N ALA A 138 10.22 39.66 -4.64
CA ALA A 138 10.74 40.77 -5.44
C ALA A 138 10.01 40.92 -6.78
N ALA A 139 8.69 41.02 -6.72
CA ALA A 139 7.87 41.30 -7.90
C ALA A 139 6.45 41.68 -7.47
N GLU A 140 5.79 42.50 -8.29
CA GLU A 140 4.42 42.94 -8.02
C GLU A 140 3.44 41.77 -7.83
N GLU A 141 2.53 41.92 -6.87
CA GLU A 141 1.58 40.87 -6.50
C GLU A 141 0.19 41.12 -7.11
N ARG A 142 -0.10 40.45 -8.23
CA ARG A 142 -1.44 40.52 -8.84
C ARG A 142 -2.42 39.56 -8.17
N PRO A 143 -3.72 39.93 -8.09
CA PRO A 143 -4.73 38.94 -7.71
C PRO A 143 -4.90 37.88 -8.79
N VAL A 144 -5.30 36.68 -8.38
CA VAL A 144 -5.38 35.55 -9.31
C VAL A 144 -6.83 35.21 -9.63
N LYS A 145 -7.06 34.67 -10.83
CA LYS A 145 -8.38 34.26 -11.28
C LYS A 145 -8.79 32.92 -10.65
N ILE A 146 -9.96 32.89 -10.03
CA ILE A 146 -10.48 31.69 -9.37
C ILE A 146 -11.56 31.02 -10.23
N SER A 147 -11.22 29.86 -10.77
CA SER A 147 -12.22 29.03 -11.45
C SER A 147 -13.18 28.41 -10.42
N PRO A 148 -14.48 28.72 -10.52
CA PRO A 148 -15.45 28.23 -9.54
C PRO A 148 -15.73 26.74 -9.70
N GLN A 149 -15.92 26.03 -8.59
CA GLN A 149 -16.16 24.59 -8.59
C GLN A 149 -17.51 24.22 -8.02
N SER A 150 -18.38 25.21 -7.84
CA SER A 150 -19.75 24.97 -7.38
C SER A 150 -20.70 25.97 -8.02
N HIS A 151 -21.96 25.56 -8.19
CA HIS A 151 -22.95 26.42 -8.82
C HIS A 151 -23.58 27.35 -7.81
N ILE A 152 -24.12 28.46 -8.31
CA ILE A 152 -24.88 29.38 -7.47
C ILE A 152 -26.11 28.65 -6.92
N PRO A 153 -26.50 28.94 -5.67
CA PRO A 153 -27.61 28.21 -5.06
C PRO A 153 -28.97 28.56 -5.69
N VAL A 154 -29.98 27.73 -5.42
CA VAL A 154 -31.27 27.83 -6.11
C VAL A 154 -31.92 29.21 -5.94
N ASN A 155 -31.80 29.78 -4.74
CA ASN A 155 -32.40 31.09 -4.45
C ASN A 155 -31.79 32.25 -5.25
N GLU A 156 -30.51 32.16 -5.58
CA GLU A 156 -29.87 33.17 -6.43
C GLU A 156 -30.26 33.00 -7.90
N LEU A 157 -30.57 31.77 -8.28
CA LEU A 157 -30.88 31.43 -9.66
C LEU A 157 -32.25 31.95 -10.09
N ILE A 158 -33.21 31.92 -9.17
CA ILE A 158 -34.60 32.29 -9.48
C ILE A 158 -34.71 33.72 -10.06
N PRO A 159 -34.03 34.70 -9.45
CA PRO A 159 -33.94 36.04 -10.06
C PRO A 159 -33.45 36.04 -11.51
N LYS A 160 -32.31 35.39 -11.76
CA LYS A 160 -31.77 35.30 -13.12
C LYS A 160 -32.76 34.69 -14.10
N LEU A 161 -33.56 33.75 -13.62
CA LEU A 161 -34.57 33.09 -14.45
C LEU A 161 -35.74 34.02 -14.78
N CYS A 162 -36.19 34.80 -13.80
CA CYS A 162 -37.29 35.73 -14.01
C CYS A 162 -36.95 36.82 -15.01
N HIS A 163 -35.72 37.32 -14.96
CA HIS A 163 -35.30 38.38 -15.88
C HIS A 163 -35.02 37.90 -17.31
N ALA A 164 -35.05 36.59 -17.54
CA ALA A 164 -34.92 36.04 -18.90
C ALA A 164 -36.09 36.44 -19.79
N ASP A 165 -35.99 36.13 -21.08
CA ASP A 165 -37.02 36.50 -22.04
C ASP A 165 -38.08 35.41 -22.17
N SER A 166 -37.67 34.22 -22.61
CA SER A 166 -38.58 33.11 -22.83
C SER A 166 -38.24 31.99 -21.85
N ILE A 167 -38.99 30.91 -21.92
CA ILE A 167 -38.70 29.71 -21.16
C ILE A 167 -37.45 29.02 -21.72
N SER A 168 -37.32 29.03 -23.05
CA SER A 168 -36.15 28.43 -23.71
C SER A 168 -34.85 28.97 -23.11
N SER A 169 -34.80 30.30 -22.95
CA SER A 169 -33.64 30.95 -22.37
C SER A 169 -33.43 30.59 -20.91
N GLN A 170 -34.53 30.46 -20.16
CA GLN A 170 -34.44 30.07 -18.76
C GLN A 170 -33.67 28.76 -18.60
N MET A 171 -34.04 27.77 -19.41
CA MET A 171 -33.42 26.46 -19.36
C MET A 171 -31.95 26.49 -19.77
N TYR A 172 -31.59 27.43 -20.65
CA TYR A 172 -30.18 27.57 -21.05
C TYR A 172 -29.37 28.36 -20.01
N ILE A 173 -30.01 29.28 -19.31
CA ILE A 173 -29.37 29.93 -18.17
C ILE A 173 -29.02 28.88 -17.12
N LEU A 174 -30.04 28.12 -16.70
CA LEU A 174 -29.86 27.07 -15.71
C LEU A 174 -28.78 26.11 -16.16
N LEU A 175 -28.85 25.65 -17.40
CA LEU A 175 -27.84 24.75 -17.95
C LEU A 175 -26.44 25.34 -17.80
N ASN A 176 -26.27 26.60 -18.22
CA ASN A 176 -24.97 27.26 -18.13
C ASN A 176 -24.47 27.41 -16.71
N GLU A 177 -25.39 27.72 -15.80
CA GLU A 177 -25.03 27.93 -14.41
C GLU A 177 -24.62 26.64 -13.70
N TYR A 178 -25.19 25.50 -14.13
CA TYR A 178 -25.05 24.25 -13.39
C TYR A 178 -24.05 23.27 -14.00
N GLN A 179 -23.86 23.29 -15.32
CA GLN A 179 -23.05 22.26 -15.98
C GLN A 179 -21.58 22.30 -15.55
N LEU A 180 -20.88 21.19 -15.80
CA LEU A 180 -19.46 21.10 -15.47
C LEU A 180 -18.66 22.01 -16.39
N THR A 181 -17.68 22.69 -15.82
CA THR A 181 -16.76 23.51 -16.58
C THR A 181 -15.59 22.64 -17.01
N GLU A 182 -14.76 23.15 -17.92
CA GLU A 182 -13.56 22.43 -18.35
C GLU A 182 -12.65 22.16 -17.15
N GLU A 183 -12.44 23.19 -16.34
CA GLU A 183 -11.54 23.10 -15.19
C GLU A 183 -11.99 22.00 -14.23
N ASN A 184 -13.27 22.03 -13.90
CA ASN A 184 -13.86 21.03 -13.02
C ASN A 184 -13.68 19.61 -13.55
N ILE A 185 -13.87 19.42 -14.85
CA ILE A 185 -13.67 18.12 -15.47
C ILE A 185 -12.25 17.62 -15.24
N LYS A 186 -11.27 18.44 -15.57
CA LYS A 186 -9.85 18.12 -15.34
C LYS A 186 -9.60 17.73 -13.87
N LEU A 187 -10.25 18.42 -12.97
CA LEU A 187 -10.08 18.16 -11.55
C LEU A 187 -10.63 16.78 -11.19
N ARG A 188 -11.77 16.42 -11.79
CA ARG A 188 -12.38 15.12 -11.59
C ARG A 188 -11.50 13.99 -12.11
N TYR A 189 -10.93 14.18 -13.29
CA TYR A 189 -10.02 13.20 -13.85
C TYR A 189 -8.74 13.09 -13.02
N LEU A 190 -8.27 14.21 -12.50
CA LEU A 190 -7.09 14.21 -11.62
C LEU A 190 -7.36 13.37 -10.39
N ALA A 191 -8.50 13.58 -9.76
CA ALA A 191 -8.90 12.82 -8.58
C ALA A 191 -8.83 11.32 -8.84
N CYS A 192 -9.29 10.89 -10.02
CA CYS A 192 -9.23 9.48 -10.40
C CYS A 192 -7.79 9.01 -10.53
N SER A 193 -6.98 9.84 -11.17
CA SER A 193 -5.57 9.52 -11.40
C SER A 193 -4.80 9.32 -10.09
N LEU A 194 -5.15 10.10 -9.05
CA LEU A 194 -4.51 9.98 -7.74
C LEU A 194 -4.91 8.67 -7.06
N VAL A 195 -6.17 8.29 -7.21
CA VAL A 195 -6.64 7.02 -6.66
C VAL A 195 -6.02 5.82 -7.41
N ARG A 196 -5.84 5.96 -8.73
CA ARG A 196 -5.18 4.92 -9.55
C ARG A 196 -3.77 4.55 -9.06
N ASP A 197 -2.98 5.58 -8.78
CA ASP A 197 -1.61 5.42 -8.28
C ASP A 197 -1.49 4.49 -7.05
N PHE A 198 -2.48 4.51 -6.18
CA PHE A 198 -2.53 3.59 -5.03
C PHE A 198 -2.69 2.13 -5.43
N ALA A 199 -3.61 1.89 -6.35
CA ALA A 199 -3.90 0.55 -6.84
C ALA A 199 -2.76 -0.02 -7.69
N ARG A 200 -2.03 0.84 -8.38
CA ARG A 200 -0.94 0.40 -9.25
C ARG A 200 0.29 -0.12 -8.50
N ALA A 201 0.31 0.08 -7.19
CA ALA A 201 1.35 -0.46 -6.35
C ALA A 201 1.51 -1.94 -6.66
N TYR A 202 0.42 -2.70 -6.58
CA TYR A 202 0.45 -4.14 -6.79
C TYR A 202 -0.31 -4.64 -8.03
N PHE A 203 -1.10 -3.75 -8.66
CA PHE A 203 -1.78 -4.06 -9.92
C PHE A 203 -1.38 -3.03 -10.97
N PRO A 204 -0.14 -3.14 -11.50
CA PRO A 204 0.43 -2.12 -12.39
C PRO A 204 -0.48 -1.68 -13.53
N ASP A 205 -1.25 -2.61 -14.07
CA ASP A 205 -2.08 -2.33 -15.26
C ASP A 205 -3.39 -1.61 -14.93
N SER A 206 -3.74 -1.53 -13.66
CA SER A 206 -4.99 -0.93 -13.22
C SER A 206 -5.25 0.46 -13.77
N THR A 207 -6.53 0.77 -13.93
CA THR A 207 -6.97 2.13 -14.16
C THR A 207 -8.11 2.41 -13.20
N VAL A 208 -8.28 3.71 -12.94
CA VAL A 208 -9.46 4.18 -12.28
C VAL A 208 -10.05 5.19 -13.22
N LYS A 209 -11.31 5.00 -13.56
CA LYS A 209 -11.98 5.77 -14.59
C LYS A 209 -13.30 6.27 -14.03
N PRO A 210 -13.64 7.53 -14.30
CA PRO A 210 -14.92 8.02 -13.86
C PRO A 210 -16.05 7.61 -14.80
N PHE A 211 -17.22 7.41 -14.23
CA PHE A 211 -18.43 7.15 -15.01
C PHE A 211 -19.54 7.99 -14.40
N GLY A 212 -20.75 7.85 -14.93
CA GLY A 212 -21.89 8.60 -14.43
C GLY A 212 -21.84 10.07 -14.82
N SER A 213 -22.40 10.91 -13.94
CA SER A 213 -22.53 12.35 -14.17
C SER A 213 -21.26 13.03 -14.65
N SER A 214 -20.14 12.65 -14.04
CA SER A 214 -18.86 13.27 -14.35
C SER A 214 -18.45 13.19 -15.82
N VAL A 215 -18.97 12.20 -16.56
CA VAL A 215 -18.55 12.01 -17.96
C VAL A 215 -19.67 11.83 -18.99
N ASN A 216 -20.91 11.68 -18.55
CA ASN A 216 -22.03 11.45 -19.48
C ASN A 216 -22.65 12.75 -20.00
N THR A 217 -22.03 13.89 -19.69
CA THR A 217 -22.46 15.23 -20.12
C THR A 217 -23.65 15.79 -19.32
N PHE A 218 -24.22 14.99 -18.42
CA PHE A 218 -25.35 15.43 -17.61
C PHE A 218 -24.94 15.84 -16.20
N GLY A 219 -23.64 15.93 -15.95
CA GLY A 219 -23.16 16.29 -14.62
C GLY A 219 -23.33 17.76 -14.31
N LYS A 220 -23.70 18.04 -13.06
CA LYS A 220 -23.72 19.41 -12.58
C LYS A 220 -22.64 19.61 -11.52
N LEU A 221 -22.23 20.86 -11.32
CA LEU A 221 -21.19 21.18 -10.35
C LEU A 221 -21.61 20.72 -8.95
N GLY A 222 -20.68 20.09 -8.24
CA GLY A 222 -20.95 19.61 -6.89
C GLY A 222 -21.41 18.16 -6.82
N CYS A 223 -21.65 17.53 -7.97
CA CYS A 223 -22.07 16.13 -7.99
C CYS A 223 -20.87 15.25 -7.66
N ASP A 224 -21.16 14.05 -7.16
CA ASP A 224 -20.11 13.12 -6.74
C ASP A 224 -19.29 12.63 -7.93
N VAL A 225 -18.07 12.21 -7.65
CA VAL A 225 -17.23 11.57 -8.65
C VAL A 225 -17.32 10.06 -8.47
N ASP A 226 -18.05 9.39 -9.36
CA ASP A 226 -18.15 7.93 -9.34
C ASP A 226 -16.94 7.35 -10.06
N MET A 227 -16.22 6.47 -9.38
CA MET A 227 -14.97 5.91 -9.91
C MET A 227 -15.07 4.41 -10.06
N PHE A 228 -14.63 3.89 -11.20
CA PHE A 228 -14.52 2.43 -11.38
C PHE A 228 -13.06 2.02 -11.36
N LEU A 229 -12.73 1.06 -10.50
CA LEU A 229 -11.42 0.44 -10.51
C LEU A 229 -11.45 -0.73 -11.50
N ASP A 230 -10.53 -0.72 -12.45
CA ASP A 230 -10.45 -1.79 -13.45
C ASP A 230 -9.08 -2.41 -13.35
N PHE A 231 -8.97 -3.55 -12.66
CA PHE A 231 -7.67 -4.13 -12.30
C PHE A 231 -7.41 -5.51 -12.92
N HIS A 232 -8.22 -5.92 -13.89
CA HIS A 232 -8.06 -7.22 -14.55
C HIS A 232 -7.35 -7.13 -15.89
N ASP A 233 -7.25 -5.91 -16.43
CA ASP A 233 -6.63 -5.65 -17.75
C ASP A 233 -5.46 -6.58 -18.09
N LYS A 242 11.69 -14.44 -26.89
CA LYS A 242 12.29 -15.71 -27.29
C LYS A 242 11.89 -16.85 -26.35
N LYS A 243 12.47 -18.04 -26.58
CA LYS A 243 12.14 -19.24 -25.82
C LYS A 243 13.35 -19.75 -25.00
N GLY A 244 13.50 -21.07 -24.86
CA GLY A 244 14.42 -21.63 -23.86
C GLY A 244 13.93 -23.02 -23.48
N PRO A 245 14.76 -23.82 -22.77
CA PRO A 245 14.30 -25.15 -22.33
C PRO A 245 13.37 -25.16 -21.11
N PHE A 246 13.14 -24.01 -20.49
CA PHE A 246 12.22 -23.89 -19.36
C PHE A 246 11.05 -22.95 -19.66
N GLU A 247 9.88 -23.25 -19.08
CA GLU A 247 8.77 -22.29 -19.02
C GLU A 247 8.92 -21.50 -17.73
N MET A 248 9.25 -20.22 -17.86
CA MET A 248 9.58 -19.38 -16.72
C MET A 248 8.41 -18.47 -16.34
N GLU A 249 7.91 -18.62 -15.12
CA GLU A 249 6.76 -17.86 -14.65
C GLU A 249 7.07 -17.20 -13.32
N TYR A 250 6.57 -15.97 -13.15
CA TYR A 250 6.62 -15.30 -11.85
C TYR A 250 5.76 -16.07 -10.85
N GLN A 251 6.23 -16.13 -9.60
CA GLN A 251 5.41 -16.65 -8.52
C GLN A 251 4.52 -15.53 -8.03
N MET A 252 3.21 -15.76 -8.02
CA MET A 252 2.25 -14.71 -7.67
C MET A 252 1.13 -15.27 -6.84
N LYS A 253 0.64 -14.46 -5.92
CA LYS A 253 -0.42 -14.85 -5.01
C LYS A 253 -1.73 -14.84 -5.78
N ARG A 254 -2.51 -15.91 -5.61
CA ARG A 254 -3.77 -16.04 -6.34
C ARG A 254 -4.87 -15.24 -5.65
N LEU A 255 -5.68 -14.55 -6.44
CA LEU A 255 -6.84 -13.82 -5.91
C LEU A 255 -8.03 -14.74 -5.65
N PRO A 256 -8.90 -14.39 -4.67
CA PRO A 256 -10.16 -15.10 -4.44
C PRO A 256 -11.19 -14.97 -5.59
N SER A 257 -12.44 -15.33 -5.30
CA SER A 257 -13.55 -15.24 -6.27
C SER A 257 -13.99 -13.78 -6.39
N GLU A 258 -14.37 -13.37 -7.60
CA GLU A 258 -14.64 -11.94 -7.93
C GLU A 258 -15.05 -10.99 -6.78
N ARG A 259 -16.17 -11.28 -6.12
CA ARG A 259 -16.69 -10.42 -5.05
C ARG A 259 -15.71 -10.31 -3.88
N LEU A 260 -15.15 -11.44 -3.45
CA LEU A 260 -14.19 -11.48 -2.34
C LEU A 260 -12.91 -10.71 -2.67
N ALA A 261 -12.44 -10.81 -3.91
CA ALA A 261 -11.29 -10.04 -4.40
C ALA A 261 -11.60 -8.55 -4.33
N THR A 262 -12.74 -8.18 -4.89
CA THR A 262 -13.23 -6.81 -4.89
C THR A 262 -13.24 -6.23 -3.48
N GLN A 263 -13.85 -6.94 -2.54
CA GLN A 263 -13.96 -6.47 -1.16
C GLN A 263 -12.61 -6.21 -0.54
N LYS A 264 -11.67 -7.12 -0.78
CA LYS A 264 -10.32 -7.01 -0.21
C LYS A 264 -9.54 -5.87 -0.85
N ILE A 265 -9.55 -5.79 -2.18
CA ILE A 265 -8.85 -4.71 -2.88
C ILE A 265 -9.36 -3.34 -2.44
N LEU A 266 -10.67 -3.21 -2.28
CA LEU A 266 -11.26 -1.92 -1.90
C LEU A 266 -11.06 -1.61 -0.42
N SER A 267 -11.01 -2.65 0.41
CA SER A 267 -10.76 -2.47 1.84
C SER A 267 -9.37 -1.89 2.06
N ILE A 268 -8.38 -2.44 1.38
CA ILE A 268 -7.00 -1.97 1.49
C ILE A 268 -6.79 -0.59 0.88
N ILE A 269 -7.36 -0.36 -0.30
CA ILE A 269 -7.28 0.97 -0.90
C ILE A 269 -7.98 2.00 -0.01
N GLY A 270 -9.10 1.63 0.59
CA GLY A 270 -9.80 2.50 1.51
C GLY A 270 -8.91 2.92 2.67
N ASP A 271 -8.22 1.96 3.26
CA ASP A 271 -7.31 2.22 4.38
C ASP A 271 -6.12 3.08 3.98
N CYS A 272 -5.60 2.86 2.78
CA CYS A 272 -4.51 3.69 2.25
C CYS A 272 -4.94 5.14 2.11
N LEU A 273 -6.11 5.35 1.52
CA LEU A 273 -6.64 6.71 1.41
C LEU A 273 -6.77 7.34 2.79
N ASP A 274 -7.27 6.56 3.74
CA ASP A 274 -7.46 7.02 5.10
C ASP A 274 -6.14 7.50 5.72
N ASN A 275 -5.11 6.63 5.65
CA ASN A 275 -3.86 6.83 6.40
C ASN A 275 -2.66 7.34 5.59
N PHE A 276 -2.64 7.10 4.29
CA PHE A 276 -1.56 7.63 3.45
C PHE A 276 -1.99 8.94 2.82
N GLY A 277 -3.31 9.12 2.73
CA GLY A 277 -3.90 10.44 2.50
C GLY A 277 -3.23 11.15 1.35
N PRO A 278 -2.87 12.43 1.54
CA PRO A 278 -3.03 13.29 2.73
C PRO A 278 -4.44 13.88 2.85
N GLY A 279 -5.14 13.98 1.72
CA GLY A 279 -6.35 14.75 1.62
C GLY A 279 -7.66 14.01 1.80
N TYR A 280 -7.61 12.71 2.04
CA TYR A 280 -8.82 11.89 2.02
C TYR A 280 -9.38 11.78 3.41
N SER A 281 -10.68 12.00 3.55
CA SER A 281 -11.32 11.90 4.85
C SER A 281 -12.73 11.30 4.70
N SER A 282 -13.35 11.04 5.84
CA SER A 282 -14.69 10.48 5.88
C SER A 282 -14.77 9.20 5.07
N VAL A 283 -13.73 8.37 5.16
CA VAL A 283 -13.64 7.17 4.35
C VAL A 283 -14.57 6.10 4.91
N GLN A 284 -15.68 5.88 4.21
CA GLN A 284 -16.67 4.91 4.60
C GLN A 284 -16.54 3.67 3.72
N LYS A 285 -16.36 2.52 4.34
CA LYS A 285 -16.37 1.25 3.63
C LYS A 285 -17.78 0.70 3.64
N ILE A 286 -18.30 0.44 2.44
CA ILE A 286 -19.62 -0.17 2.28
C ILE A 286 -19.40 -1.39 1.38
N LEU A 287 -18.69 -2.38 1.93
CA LEU A 287 -18.23 -3.54 1.17
C LEU A 287 -19.29 -4.63 1.05
N ASN A 288 -20.29 -4.59 1.92
CA ASN A 288 -21.36 -5.60 1.93
C ASN A 288 -22.53 -5.26 1.01
N ALA A 289 -22.49 -4.11 0.36
CA ALA A 289 -23.53 -3.72 -0.60
C ALA A 289 -23.58 -4.66 -1.80
N ARG A 290 -24.62 -4.51 -2.61
CA ARG A 290 -24.79 -5.32 -3.83
C ARG A 290 -23.56 -5.13 -4.72
N CYS A 291 -23.20 -3.88 -4.96
CA CYS A 291 -21.91 -3.51 -5.54
C CYS A 291 -21.04 -2.94 -4.43
N PRO A 292 -20.00 -3.68 -4.00
CA PRO A 292 -19.08 -3.18 -2.98
C PRO A 292 -18.54 -1.79 -3.30
N LEU A 293 -18.46 -0.94 -2.28
CA LEU A 293 -18.26 0.49 -2.48
C LEU A 293 -17.44 1.12 -1.37
N VAL A 294 -16.64 2.11 -1.72
CA VAL A 294 -15.95 2.94 -0.73
C VAL A 294 -16.28 4.39 -1.02
N LYS A 295 -16.88 5.07 -0.04
CA LYS A 295 -17.16 6.50 -0.15
C LYS A 295 -16.10 7.28 0.62
N PHE A 296 -15.71 8.43 0.07
CA PHE A 296 -14.75 9.29 0.75
C PHE A 296 -14.78 10.71 0.21
N SER A 297 -14.23 11.61 1.01
CA SER A 297 -14.14 13.02 0.67
C SER A 297 -12.68 13.37 0.39
N HIS A 298 -12.42 14.06 -0.72
CA HIS A 298 -11.06 14.48 -1.08
C HIS A 298 -10.88 15.99 -0.90
N GLN A 299 -10.12 16.38 0.11
CA GLN A 299 -10.06 17.78 0.56
C GLN A 299 -9.38 18.77 -0.39
N PRO A 300 -8.29 18.35 -1.08
CA PRO A 300 -7.65 19.26 -2.02
C PRO A 300 -8.60 19.70 -3.13
N THR A 301 -9.32 18.76 -3.72
CA THR A 301 -10.26 19.04 -4.80
C THR A 301 -11.65 19.40 -4.30
N GLY A 302 -12.03 18.91 -3.13
CA GLY A 302 -13.35 19.19 -2.55
C GLY A 302 -14.43 18.20 -2.95
N PHE A 303 -14.08 17.20 -3.75
CA PHE A 303 -15.06 16.24 -4.26
C PHE A 303 -15.50 15.18 -3.25
N GLN A 304 -16.76 14.79 -3.31
CA GLN A 304 -17.25 13.57 -2.66
C GLN A 304 -17.07 12.46 -3.70
N CYS A 305 -16.43 11.36 -3.33
CA CYS A 305 -16.13 10.29 -4.28
C CYS A 305 -16.67 8.93 -3.84
N ASP A 306 -17.04 8.11 -4.83
CA ASP A 306 -17.53 6.74 -4.59
C ASP A 306 -16.71 5.81 -5.48
N LEU A 307 -16.01 4.88 -4.86
CA LEU A 307 -15.13 3.98 -5.57
C LEU A 307 -15.64 2.54 -5.54
N SER A 308 -15.75 1.93 -6.72
CA SER A 308 -16.18 0.53 -6.84
C SER A 308 -15.48 -0.16 -8.00
N VAL A 309 -15.62 -1.48 -8.08
CA VAL A 309 -14.99 -2.26 -9.12
C VAL A 309 -15.80 -2.21 -10.42
N SER A 310 -15.09 -2.17 -11.54
CA SER A 310 -15.67 -1.93 -12.86
C SER A 310 -16.85 -2.84 -13.15
N ASN A 311 -17.92 -2.21 -13.61
CA ASN A 311 -19.06 -2.90 -14.15
C ASN A 311 -19.23 -2.42 -15.61
N SER A 312 -18.98 -3.31 -16.56
CA SER A 312 -18.96 -2.93 -17.99
C SER A 312 -20.31 -2.42 -18.49
N ILE A 313 -21.39 -2.88 -17.86
CA ILE A 313 -22.74 -2.42 -18.21
C ILE A 313 -22.90 -0.93 -17.89
N ALA A 314 -22.50 -0.53 -16.69
CA ALA A 314 -22.61 0.86 -16.24
C ALA A 314 -21.77 1.82 -17.09
N ILE A 315 -20.67 1.31 -17.67
CA ILE A 315 -19.86 2.08 -18.59
C ILE A 315 -20.59 2.32 -19.92
N ARG A 316 -21.38 1.33 -20.36
CA ARG A 316 -22.17 1.47 -21.59
C ARG A 316 -23.28 2.50 -21.41
N CYS A 317 -23.97 2.44 -20.27
CA CYS A 317 -25.01 3.43 -19.94
C CYS A 317 -24.46 4.85 -19.97
N SER A 318 -23.25 5.01 -19.45
CA SER A 318 -22.60 6.30 -19.43
C SER A 318 -22.28 6.78 -20.85
N GLU A 319 -21.81 5.86 -21.70
CA GLU A 319 -21.53 6.18 -23.10
C GLU A 319 -22.81 6.45 -23.89
N LEU A 320 -23.85 5.71 -23.57
CA LEU A 320 -25.14 5.90 -24.21
C LEU A 320 -25.62 7.32 -23.97
N LEU A 321 -25.68 7.70 -22.69
CA LEU A 321 -26.14 9.04 -22.30
C LEU A 321 -25.26 10.13 -22.88
N TYR A 322 -23.97 9.83 -23.01
CA TYR A 322 -23.04 10.76 -23.65
C TYR A 322 -23.51 11.08 -25.07
N ILE A 323 -23.85 10.03 -25.81
CA ILE A 323 -24.29 10.19 -27.20
C ILE A 323 -25.53 11.07 -27.26
N TYR A 324 -26.55 10.69 -26.49
CA TYR A 324 -27.79 11.47 -26.43
C TYR A 324 -27.53 12.91 -25.99
N GLY A 325 -26.62 13.10 -25.05
CA GLY A 325 -26.22 14.43 -24.63
C GLY A 325 -25.56 15.22 -25.74
N CYS A 326 -24.69 14.56 -26.50
CA CYS A 326 -23.96 15.20 -27.58
C CYS A 326 -24.82 15.43 -28.84
N LEU A 327 -25.89 14.66 -29.01
CA LEU A 327 -26.72 14.74 -30.23
C LEU A 327 -27.48 16.06 -30.40
N ASP A 328 -27.94 16.64 -29.30
CA ASP A 328 -28.75 17.86 -29.38
C ASP A 328 -28.72 18.59 -28.04
N PRO A 329 -28.50 19.92 -28.05
CA PRO A 329 -28.41 20.68 -26.79
C PRO A 329 -29.70 20.74 -25.98
N ARG A 330 -30.85 20.57 -26.65
CA ARG A 330 -32.13 20.53 -25.94
C ARG A 330 -32.19 19.36 -24.96
N VAL A 331 -31.58 18.24 -25.32
CA VAL A 331 -31.53 17.06 -24.46
C VAL A 331 -30.95 17.42 -23.10
N ARG A 332 -29.79 18.06 -23.09
CA ARG A 332 -29.15 18.47 -21.85
C ARG A 332 -29.99 19.52 -21.14
N ALA A 333 -30.36 20.58 -21.85
CA ALA A 333 -31.19 21.63 -21.25
C ALA A 333 -32.43 21.07 -20.55
N LEU A 334 -33.01 20.03 -21.13
CA LEU A 334 -34.23 19.45 -20.57
C LEU A 334 -33.93 18.65 -19.31
N VAL A 335 -32.88 17.84 -19.36
CA VAL A 335 -32.51 17.00 -18.21
C VAL A 335 -32.12 17.82 -16.99
N PHE A 336 -31.28 18.83 -17.17
CA PHE A 336 -30.84 19.70 -16.06
C PHE A 336 -32.01 20.38 -15.36
N SER A 337 -32.99 20.84 -16.14
CA SER A 337 -34.15 21.51 -15.57
C SER A 337 -35.07 20.57 -14.82
N LEU A 338 -35.27 19.37 -15.38
CA LEU A 338 -36.16 18.40 -14.76
C LEU A 338 -35.52 17.72 -13.55
N ARG A 339 -34.19 17.58 -13.55
CA ARG A 339 -33.46 17.16 -12.35
C ARG A 339 -33.72 18.14 -11.22
N CYS A 340 -33.49 19.42 -11.50
CA CYS A 340 -33.66 20.48 -10.52
C CYS A 340 -35.10 20.53 -10.01
N TRP A 341 -36.04 20.38 -10.93
CA TRP A 341 -37.46 20.32 -10.60
C TRP A 341 -37.75 19.18 -9.61
N ALA A 342 -37.19 18.01 -9.90
CA ALA A 342 -37.41 16.83 -9.05
C ALA A 342 -36.84 17.04 -7.64
N ARG A 343 -35.66 17.63 -7.57
CA ARG A 343 -35.03 17.94 -6.29
C ARG A 343 -35.90 18.92 -5.50
N VAL A 344 -36.33 19.99 -6.16
CA VAL A 344 -37.09 21.05 -5.53
C VAL A 344 -38.37 20.54 -4.86
N HIS A 345 -39.06 19.61 -5.50
CA HIS A 345 -40.33 19.09 -4.97
C HIS A 345 -40.16 17.81 -4.16
N GLY A 346 -38.90 17.45 -3.86
CA GLY A 346 -38.61 16.27 -3.05
C GLY A 346 -38.91 14.93 -3.71
N LEU A 347 -38.88 14.89 -5.04
CA LEU A 347 -39.10 13.65 -5.77
C LEU A 347 -37.83 12.81 -5.80
N THR A 348 -36.68 13.48 -5.83
CA THR A 348 -35.38 12.81 -5.73
C THR A 348 -34.70 13.13 -4.41
N ASN A 349 -34.01 12.15 -3.85
CA ASN A 349 -33.25 12.30 -2.62
C ASN A 349 -31.80 11.86 -2.84
N SER A 350 -30.89 12.31 -1.98
CA SER A 350 -29.48 11.90 -2.06
C SER A 350 -29.27 10.46 -1.58
N VAL A 351 -29.98 10.08 -0.52
CA VAL A 351 -29.91 8.71 0.03
C VAL A 351 -30.91 7.80 -0.69
N PRO A 352 -30.47 6.59 -1.10
CA PRO A 352 -31.37 5.62 -1.76
C PRO A 352 -32.63 5.28 -0.96
N GLY A 353 -33.62 4.70 -1.65
CA GLY A 353 -34.90 4.34 -1.05
C GLY A 353 -35.97 4.13 -2.10
N THR A 354 -37.19 4.57 -1.80
CA THR A 354 -38.31 4.44 -2.74
C THR A 354 -38.42 5.63 -3.70
N TRP A 355 -37.56 6.63 -3.52
CA TRP A 355 -37.53 7.81 -4.37
C TRP A 355 -37.12 7.45 -5.78
N ILE A 356 -37.63 8.20 -6.76
CA ILE A 356 -37.13 8.10 -8.11
C ILE A 356 -35.70 8.63 -8.12
N THR A 357 -34.82 7.93 -8.82
CA THR A 357 -33.42 8.31 -8.93
C THR A 357 -33.20 9.17 -10.18
N ASN A 358 -32.22 10.06 -10.10
CA ASN A 358 -31.85 10.91 -11.23
C ASN A 358 -31.65 10.09 -12.51
N PHE A 359 -31.04 8.92 -12.38
CA PHE A 359 -30.80 8.06 -13.54
C PHE A 359 -32.13 7.59 -14.15
N SER A 360 -33.02 7.05 -13.32
CA SER A 360 -34.35 6.66 -13.79
C SER A 360 -35.06 7.85 -14.45
N LEU A 361 -35.06 8.98 -13.75
CA LEU A 361 -35.66 10.21 -14.27
C LEU A 361 -35.02 10.60 -15.61
N THR A 362 -33.71 10.44 -15.71
CA THR A 362 -33.02 10.73 -16.95
C THR A 362 -33.49 9.78 -18.06
N MET A 363 -33.72 8.51 -17.71
CA MET A 363 -34.19 7.52 -18.68
C MET A 363 -35.60 7.81 -19.18
N MET A 364 -36.45 8.34 -18.30
CA MET A 364 -37.79 8.78 -18.71
C MET A 364 -37.67 9.89 -19.74
N ILE A 365 -36.84 10.87 -19.45
CA ILE A 365 -36.63 12.01 -20.35
C ILE A 365 -36.12 11.55 -21.71
N MET A 366 -35.25 10.55 -21.73
CA MET A 366 -34.77 10.00 -23.00
C MET A 366 -35.90 9.33 -23.75
N PHE A 367 -36.67 8.50 -23.06
CA PHE A 367 -37.82 7.83 -23.63
C PHE A 367 -38.79 8.82 -24.26
N PHE A 368 -39.17 9.83 -23.48
CA PHE A 368 -40.03 10.93 -23.94
C PHE A 368 -39.54 11.56 -25.24
N LEU A 369 -38.23 11.76 -25.36
CA LEU A 369 -37.64 12.39 -26.55
C LEU A 369 -37.56 11.43 -27.73
N GLN A 370 -37.52 10.13 -27.46
CA GLN A 370 -37.62 9.12 -28.51
C GLN A 370 -39.02 9.12 -29.15
N LYS A 371 -40.03 9.53 -28.37
CA LYS A 371 -41.44 9.45 -28.78
C LYS A 371 -41.98 10.72 -29.44
N ARG A 372 -41.12 11.70 -29.74
CA ARG A 372 -41.57 12.92 -30.43
C ARG A 372 -41.78 12.68 -31.92
N SER A 373 -42.50 13.61 -32.57
CA SER A 373 -42.78 13.56 -34.01
C SER A 373 -42.14 14.75 -34.73
N PRO A 374 -40.98 14.53 -35.37
CA PRO A 374 -40.17 13.31 -35.38
C PRO A 374 -39.32 13.22 -34.12
N PRO A 375 -38.77 12.02 -33.83
CA PRO A 375 -37.96 11.84 -32.63
C PRO A 375 -36.77 12.80 -32.59
N ILE A 376 -36.45 13.30 -31.40
CA ILE A 376 -35.28 14.17 -31.20
C ILE A 376 -34.01 13.32 -31.09
N ILE A 377 -34.14 12.12 -30.53
CA ILE A 377 -33.04 11.16 -30.44
C ILE A 377 -33.47 9.77 -30.92
N PRO A 378 -32.52 8.99 -31.45
CA PRO A 378 -32.87 7.64 -31.92
C PRO A 378 -33.03 6.63 -30.79
N THR A 379 -33.66 5.52 -31.12
CA THR A 379 -33.81 4.42 -30.18
C THR A 379 -32.50 3.66 -30.09
N LEU A 380 -32.35 2.83 -29.07
CA LEU A 380 -31.11 2.07 -28.89
C LEU A 380 -30.95 0.98 -29.96
N ASP A 381 -32.07 0.42 -30.42
CA ASP A 381 -32.06 -0.53 -31.53
C ASP A 381 -31.61 0.13 -32.83
N GLN A 382 -32.02 1.39 -33.05
CA GLN A 382 -31.53 2.17 -34.19
C GLN A 382 -30.02 2.36 -34.12
N LEU A 383 -29.52 2.64 -32.91
CA LEU A 383 -28.08 2.80 -32.70
C LEU A 383 -27.34 1.48 -32.87
N LYS A 384 -27.95 0.37 -32.42
CA LYS A 384 -27.36 -0.95 -32.59
C LYS A 384 -27.14 -1.26 -34.07
N GLU A 385 -28.17 -1.03 -34.89
CA GLU A 385 -28.10 -1.36 -36.32
C GLU A 385 -27.20 -0.42 -37.14
N LEU A 386 -26.84 0.74 -36.57
CA LEU A 386 -25.82 1.61 -37.17
C LEU A 386 -24.40 1.20 -36.77
N ALA A 387 -24.28 0.25 -35.83
CA ALA A 387 -22.99 -0.24 -35.38
C ALA A 387 -22.33 -1.13 -36.42
N ASP A 388 -21.05 -1.43 -36.18
CA ASP A 388 -20.27 -2.32 -37.04
C ASP A 388 -19.57 -3.36 -36.14
N GLU A 389 -18.63 -4.12 -36.71
CA GLU A 389 -17.86 -5.11 -35.94
C GLU A 389 -16.96 -4.43 -34.90
N LYS A 390 -16.47 -3.24 -35.22
CA LYS A 390 -15.61 -2.46 -34.32
C LYS A 390 -16.34 -2.02 -33.04
N ASP A 391 -17.64 -1.77 -33.15
CA ASP A 391 -18.47 -1.34 -32.02
C ASP A 391 -19.22 -2.50 -31.35
N LYS A 392 -18.78 -3.73 -31.61
CA LYS A 392 -19.45 -4.90 -31.04
C LYS A 392 -18.99 -5.13 -29.60
N HIS A 393 -19.93 -4.97 -28.66
CA HIS A 393 -19.71 -5.31 -27.26
C HIS A 393 -20.82 -6.26 -26.81
N VAL A 394 -20.43 -7.42 -26.30
CA VAL A 394 -21.38 -8.40 -25.78
C VAL A 394 -20.98 -8.73 -24.35
N ILE A 395 -21.87 -8.41 -23.41
CA ILE A 395 -21.58 -8.58 -21.98
C ILE A 395 -22.66 -9.44 -21.34
N GLY A 396 -22.23 -10.46 -20.59
CA GLY A 396 -23.14 -11.39 -19.94
C GLY A 396 -24.15 -12.01 -20.87
N GLY A 397 -23.71 -12.33 -22.10
CA GLY A 397 -24.58 -12.89 -23.13
C GLY A 397 -25.27 -11.86 -24.00
N TYR A 398 -25.80 -10.81 -23.38
CA TYR A 398 -26.64 -9.81 -24.07
C TYR A 398 -25.81 -8.85 -24.91
N ASP A 399 -26.34 -8.51 -26.09
CA ASP A 399 -25.66 -7.65 -27.06
C ASP A 399 -25.80 -6.16 -26.71
N CYS A 400 -24.75 -5.58 -26.15
CA CYS A 400 -24.74 -4.18 -25.72
C CYS A 400 -23.96 -3.31 -26.70
N SER A 401 -24.22 -3.50 -27.99
CA SER A 401 -23.50 -2.81 -29.04
C SER A 401 -24.25 -1.58 -29.53
N PHE A 402 -23.51 -0.52 -29.83
CA PHE A 402 -24.07 0.65 -30.50
C PHE A 402 -22.98 1.56 -31.04
N VAL A 403 -23.38 2.45 -31.95
CA VAL A 403 -22.48 3.39 -32.61
C VAL A 403 -21.70 4.20 -31.60
N SER A 404 -20.42 4.43 -31.88
CA SER A 404 -19.62 5.37 -31.09
C SER A 404 -19.33 6.65 -31.87
N ASP A 405 -19.30 6.56 -33.19
CA ASP A 405 -19.13 7.73 -34.06
C ASP A 405 -20.47 8.47 -34.22
N LEU A 406 -20.52 9.72 -33.76
CA LEU A 406 -21.77 10.50 -33.79
C LEU A 406 -22.16 10.96 -35.20
N SER A 407 -21.17 11.06 -36.09
CA SER A 407 -21.40 11.57 -37.45
C SER A 407 -22.27 10.60 -38.27
N LYS A 408 -22.21 9.31 -37.93
CA LYS A 408 -23.03 8.30 -38.61
C LYS A 408 -24.52 8.34 -38.23
N ILE A 409 -24.86 9.10 -37.18
CA ILE A 409 -26.26 9.32 -36.82
C ILE A 409 -26.80 10.51 -37.62
N LYS A 410 -27.94 10.29 -38.26
CA LYS A 410 -28.59 11.33 -39.05
C LYS A 410 -29.22 12.34 -38.09
N PRO A 411 -28.92 13.65 -38.25
CA PRO A 411 -29.51 14.66 -37.37
C PRO A 411 -31.05 14.63 -37.36
N THR A 412 -31.63 14.90 -36.19
CA THR A 412 -33.08 14.99 -36.08
C THR A 412 -33.66 16.12 -36.95
N LYS A 413 -34.85 15.88 -37.51
CA LYS A 413 -35.59 16.93 -38.22
C LYS A 413 -36.45 17.77 -37.28
N ASN A 414 -36.60 17.31 -36.03
CA ASN A 414 -37.45 17.97 -35.05
C ASN A 414 -37.00 19.39 -34.71
N THR A 415 -37.95 20.29 -34.52
CA THR A 415 -37.66 21.70 -34.22
C THR A 415 -38.52 22.25 -33.09
N GLU A 416 -39.12 21.37 -32.29
CA GLU A 416 -39.94 21.81 -31.16
C GLU A 416 -39.04 22.60 -30.22
N THR A 417 -39.54 23.74 -29.75
CA THR A 417 -38.80 24.55 -28.79
C THR A 417 -38.90 23.93 -27.40
N LEU A 418 -37.99 24.34 -26.51
CA LEU A 418 -37.99 23.86 -25.14
C LEU A 418 -39.27 24.26 -24.39
N ASP A 419 -39.87 25.38 -24.77
CA ASP A 419 -41.17 25.82 -24.20
C ASP A 419 -42.17 24.68 -24.32
N GLU A 420 -42.38 24.20 -25.54
CA GLU A 420 -43.31 23.12 -25.81
C GLU A 420 -42.86 21.83 -25.12
N LEU A 421 -41.57 21.51 -25.23
CA LEU A 421 -41.05 20.23 -24.76
C LEU A 421 -41.16 20.05 -23.25
N LEU A 422 -40.95 21.12 -22.49
CA LEU A 422 -41.05 21.07 -21.04
C LEU A 422 -42.49 20.77 -20.61
N CYS A 423 -43.43 21.54 -21.13
CA CYS A 423 -44.83 21.37 -20.80
C CYS A 423 -45.32 19.98 -21.23
N ASP A 424 -44.92 19.56 -22.43
CA ASP A 424 -45.29 18.24 -22.95
C ASP A 424 -44.75 17.12 -22.09
N PHE A 425 -43.53 17.26 -21.56
CA PHE A 425 -42.97 16.25 -20.67
C PHE A 425 -43.91 16.03 -19.50
N PHE A 426 -44.29 17.12 -18.84
CA PHE A 426 -45.24 17.05 -17.73
C PHE A 426 -46.59 16.51 -18.19
N GLN A 427 -47.08 17.00 -19.33
CA GLN A 427 -48.36 16.54 -19.88
C GLN A 427 -48.32 15.03 -20.15
N TYR A 428 -47.26 14.60 -20.82
CA TYR A 428 -47.12 13.20 -21.22
C TYR A 428 -47.11 12.25 -20.02
N PHE A 429 -46.16 12.43 -19.11
CA PHE A 429 -46.02 11.54 -17.96
C PHE A 429 -47.07 11.81 -16.89
N GLY A 430 -47.65 13.00 -16.89
CA GLY A 430 -48.78 13.30 -16.03
C GLY A 430 -50.00 12.47 -16.37
N ASN A 431 -50.09 12.02 -17.63
CA ASN A 431 -51.21 11.21 -18.12
C ASN A 431 -50.82 9.83 -18.63
N PHE A 432 -49.59 9.42 -18.34
CA PHE A 432 -49.09 8.11 -18.71
C PHE A 432 -49.69 7.04 -17.79
N ASP A 433 -50.14 5.92 -18.35
CA ASP A 433 -50.70 4.83 -17.56
C ASP A 433 -49.58 3.91 -17.05
N PHE A 434 -49.11 4.17 -15.84
CA PHE A 434 -47.99 3.44 -15.28
C PHE A 434 -48.33 2.03 -14.82
N ARG A 435 -49.59 1.82 -14.45
CA ARG A 435 -50.03 0.50 -13.99
C ARG A 435 -50.03 -0.54 -15.12
N LYS A 436 -50.33 -0.08 -16.33
CA LYS A 436 -50.47 -0.93 -17.50
C LYS A 436 -49.24 -0.94 -18.41
N ASN A 437 -48.44 0.13 -18.39
CA ASN A 437 -47.33 0.29 -19.35
C ASN A 437 -45.95 0.46 -18.73
N SER A 438 -44.94 0.11 -19.53
CA SER A 438 -43.54 0.23 -19.16
C SER A 438 -42.76 0.94 -20.28
N LEU A 439 -41.62 1.52 -19.91
CA LEU A 439 -40.79 2.29 -20.85
C LEU A 439 -39.65 1.43 -21.38
N ASN A 440 -39.70 1.13 -22.69
CA ASN A 440 -38.64 0.39 -23.35
C ASN A 440 -37.85 1.32 -24.24
N LEU A 441 -36.61 1.61 -23.85
CA LEU A 441 -35.75 2.52 -24.60
C LEU A 441 -35.13 1.86 -25.83
N ARG A 442 -35.08 0.54 -25.88
CA ARG A 442 -34.59 -0.16 -27.07
C ARG A 442 -35.58 0.02 -28.22
N LYS A 443 -36.85 -0.26 -27.94
CA LYS A 443 -37.93 -0.11 -28.91
C LYS A 443 -38.36 1.34 -29.08
N GLY A 444 -38.26 2.13 -28.01
CA GLY A 444 -38.82 3.47 -27.99
C GLY A 444 -40.34 3.44 -27.92
N LYS A 445 -40.87 2.42 -27.26
CA LYS A 445 -42.31 2.18 -27.25
C LYS A 445 -42.82 1.85 -25.86
N GLU A 446 -44.08 2.25 -25.61
CA GLU A 446 -44.81 1.79 -24.43
C GLU A 446 -45.12 0.31 -24.66
N VAL A 447 -44.83 -0.53 -23.67
CA VAL A 447 -45.09 -1.96 -23.78
C VAL A 447 -45.63 -2.52 -22.46
N ASN A 448 -46.19 -3.72 -22.53
CA ASN A 448 -46.69 -4.39 -21.33
C ASN A 448 -45.57 -4.69 -20.35
N LYS A 449 -45.91 -4.61 -19.06
CA LYS A 449 -44.93 -4.77 -17.99
C LYS A 449 -44.59 -6.24 -17.81
N PRO A 450 -43.29 -6.58 -17.83
CA PRO A 450 -42.86 -7.95 -17.51
C PRO A 450 -43.22 -8.44 -16.10
N GLU A 451 -43.46 -7.51 -15.17
CA GLU A 451 -43.84 -7.88 -13.80
C GLU A 451 -44.58 -6.74 -13.09
N SER A 452 -45.40 -7.11 -12.11
CA SER A 452 -46.13 -6.15 -11.29
C SER A 452 -45.17 -5.28 -10.46
N SER A 453 -44.89 -4.09 -10.96
CA SER A 453 -44.07 -3.11 -10.24
C SER A 453 -44.55 -1.71 -10.58
N PRO A 454 -44.76 -0.84 -9.57
CA PRO A 454 -45.37 0.47 -9.81
C PRO A 454 -44.86 1.20 -11.05
N LEU A 455 -43.54 1.38 -11.15
CA LEU A 455 -42.91 2.06 -12.28
C LEU A 455 -41.86 1.15 -12.90
N TYR A 456 -42.14 0.66 -14.11
CA TYR A 456 -41.23 -0.25 -14.79
C TYR A 456 -40.51 0.44 -15.94
N ILE A 457 -39.19 0.53 -15.84
CA ILE A 457 -38.36 1.04 -16.92
C ILE A 457 -37.35 -0.06 -17.31
N TRP A 458 -37.48 -0.53 -18.54
CA TRP A 458 -36.65 -1.63 -19.04
C TRP A 458 -35.19 -1.23 -19.04
N ASN A 459 -34.35 -2.07 -18.43
CA ASN A 459 -32.91 -1.88 -18.52
C ASN A 459 -32.49 -2.23 -19.94
N PRO A 460 -31.93 -1.25 -20.67
CA PRO A 460 -31.61 -1.49 -22.07
C PRO A 460 -30.48 -2.50 -22.32
N PHE A 461 -29.73 -2.88 -21.29
CA PHE A 461 -28.59 -3.78 -21.47
C PHE A 461 -28.71 -5.10 -20.72
N GLU A 462 -29.84 -5.35 -20.07
CA GLU A 462 -30.07 -6.60 -19.35
C GLU A 462 -31.49 -7.11 -19.53
N GLN A 463 -31.61 -8.32 -20.08
CA GLN A 463 -32.92 -8.91 -20.47
C GLN A 463 -34.17 -8.40 -19.71
N ASP A 464 -34.44 -8.97 -18.53
CA ASP A 464 -35.61 -8.56 -17.72
C ASP A 464 -35.11 -7.96 -16.41
N LEU A 465 -34.82 -6.66 -16.46
CA LEU A 465 -34.39 -5.93 -15.28
C LEU A 465 -35.04 -4.56 -15.31
N ASN A 466 -35.67 -4.20 -14.19
CA ASN A 466 -36.30 -2.90 -14.02
C ASN A 466 -35.36 -1.97 -13.27
N ILE A 467 -34.91 -0.90 -13.93
CA ILE A 467 -33.97 0.04 -13.32
C ILE A 467 -34.61 0.88 -12.21
N SER A 468 -35.93 0.96 -12.21
CA SER A 468 -36.66 1.73 -11.22
C SER A 468 -37.52 0.83 -10.33
N LYS A 469 -37.01 -0.38 -10.06
CA LYS A 469 -37.72 -1.36 -9.26
C LYS A 469 -37.93 -0.91 -7.82
N ASN A 470 -37.02 -0.07 -7.33
CA ASN A 470 -37.11 0.49 -5.98
C ASN A 470 -38.37 1.31 -5.71
N VAL A 471 -38.96 1.88 -6.77
CA VAL A 471 -40.00 2.89 -6.62
C VAL A 471 -41.34 2.26 -6.21
N ASN A 472 -41.90 2.77 -5.11
CA ASN A 472 -43.20 2.33 -4.59
C ASN A 472 -44.37 3.11 -5.21
N GLN A 473 -45.59 2.76 -4.84
CA GLN A 473 -46.78 3.41 -5.40
C GLN A 473 -46.97 4.86 -4.93
N PRO A 474 -46.76 5.12 -3.62
CA PRO A 474 -46.86 6.51 -3.13
C PRO A 474 -45.95 7.51 -3.84
N GLN A 475 -44.67 7.17 -3.98
CA GLN A 475 -43.69 8.06 -4.59
C GLN A 475 -44.02 8.33 -6.06
N LEU A 476 -44.46 7.29 -6.76
CA LEU A 476 -44.89 7.42 -8.15
C LEU A 476 -46.08 8.36 -8.27
N GLU A 477 -47.05 8.21 -7.37
CA GLU A 477 -48.25 9.04 -7.38
C GLU A 477 -47.93 10.51 -7.09
N LYS A 478 -46.94 10.74 -6.22
CA LYS A 478 -46.50 12.09 -5.90
C LYS A 478 -45.79 12.73 -7.10
N PHE A 479 -45.06 11.92 -7.86
CA PHE A 479 -44.42 12.38 -9.11
C PHE A 479 -45.50 12.77 -10.12
N VAL A 480 -46.49 11.90 -10.29
CA VAL A 480 -47.56 12.16 -11.25
C VAL A 480 -48.33 13.44 -10.89
N ALA A 481 -48.65 13.61 -9.61
CA ALA A 481 -49.35 14.80 -9.14
C ALA A 481 -48.53 16.07 -9.40
N MET A 482 -47.24 16.02 -9.10
CA MET A 482 -46.35 17.17 -9.30
C MET A 482 -46.25 17.55 -10.78
N ALA A 483 -46.12 16.53 -11.64
CA ALA A 483 -46.09 16.74 -13.08
C ALA A 483 -47.39 17.37 -13.58
N ARG A 484 -48.52 16.89 -13.08
CA ARG A 484 -49.82 17.45 -13.46
C ARG A 484 -49.97 18.90 -13.03
N GLU A 485 -49.58 19.19 -11.79
CA GLU A 485 -49.60 20.57 -11.32
C GLU A 485 -48.67 21.44 -12.17
N SER A 486 -47.48 20.92 -12.45
CA SER A 486 -46.49 21.67 -13.23
C SER A 486 -47.02 22.01 -14.62
N ALA A 487 -47.67 21.04 -15.25
CA ALA A 487 -48.31 21.26 -16.55
C ALA A 487 -49.40 22.31 -16.46
N TRP A 488 -50.26 22.20 -15.43
CA TRP A 488 -51.35 23.17 -15.23
C TRP A 488 -50.81 24.58 -15.10
N ILE A 489 -49.77 24.75 -14.28
CA ILE A 489 -49.19 26.07 -14.04
C ILE A 489 -48.69 26.69 -15.34
N LEU A 490 -47.87 25.94 -16.08
CA LEU A 490 -47.31 26.43 -17.34
C LEU A 490 -48.40 26.70 -18.38
N GLN A 491 -49.40 25.82 -18.46
CA GLN A 491 -50.48 25.95 -19.46
C GLN A 491 -51.35 27.18 -19.22
N LYS A 492 -51.66 27.46 -17.95
CA LYS A 492 -52.63 28.49 -17.59
C LYS A 492 -52.02 29.60 -16.77
N GLU A 493 -50.93 30.19 -17.26
CA GLU A 493 -50.32 31.36 -16.61
C GLU A 493 -50.15 32.51 -17.59
N ASP A 494 -50.19 33.73 -17.04
CA ASP A 494 -49.94 34.94 -17.82
C ASP A 494 -48.48 35.33 -17.60
N LYS A 495 -47.63 35.02 -18.58
CA LYS A 495 -46.19 35.30 -18.47
C LYS A 495 -45.90 36.79 -18.42
N THR A 496 -46.58 37.56 -19.26
CA THR A 496 -46.39 39.01 -19.30
C THR A 496 -46.82 39.65 -17.99
N GLN A 497 -48.03 39.32 -17.53
CA GLN A 497 -48.56 39.89 -16.28
C GLN A 497 -47.72 39.51 -15.05
N GLN A 498 -47.10 38.33 -15.08
CA GLN A 498 -46.22 37.91 -13.99
C GLN A 498 -44.90 38.68 -14.01
N MET A 499 -44.35 38.91 -15.19
CA MET A 499 -43.14 39.72 -15.35
C MET A 499 -43.38 41.14 -14.81
N ILE A 500 -44.48 41.75 -15.27
CA ILE A 500 -44.89 43.08 -14.81
C ILE A 500 -44.97 43.12 -13.28
N ASN A 501 -45.58 42.10 -12.68
CA ASN A 501 -45.74 42.02 -11.22
C ASN A 501 -44.48 41.60 -10.46
N LYS A 502 -43.39 41.33 -11.18
CA LYS A 502 -42.13 40.84 -10.59
C LYS A 502 -42.35 39.53 -9.80
N GLU A 503 -43.05 38.59 -10.44
CA GLU A 503 -43.39 37.30 -9.84
C GLU A 503 -42.69 36.18 -10.61
N PRO A 504 -42.70 34.95 -10.04
CA PRO A 504 -42.12 33.82 -10.78
C PRO A 504 -42.99 33.40 -11.98
N TRP A 505 -42.34 33.00 -13.07
CA TRP A 505 -43.03 32.58 -14.28
C TRP A 505 -42.21 31.57 -15.06
N GLY A 506 -42.90 30.72 -15.83
CA GLY A 506 -42.23 29.71 -16.63
C GLY A 506 -41.49 28.69 -15.78
N LEU A 507 -40.26 28.39 -16.18
CA LEU A 507 -39.41 27.47 -15.44
C LEU A 507 -39.28 27.85 -13.96
N ALA A 508 -39.19 29.15 -13.68
CA ALA A 508 -39.07 29.63 -12.30
C ALA A 508 -40.32 29.30 -11.48
N ALA A 509 -41.49 29.33 -12.11
CA ALA A 509 -42.75 29.03 -11.42
C ALA A 509 -42.85 27.56 -11.00
N VAL A 510 -42.19 26.67 -11.73
CA VAL A 510 -42.20 25.25 -11.40
C VAL A 510 -41.00 24.84 -10.54
N LEU A 511 -40.06 25.75 -10.32
CA LEU A 511 -38.89 25.48 -9.46
C LEU A 511 -39.02 26.13 -8.08
N ILE A 512 -40.25 26.25 -7.59
CA ILE A 512 -40.51 26.70 -6.22
C ILE A 512 -41.63 25.83 -5.65
N PRO A 513 -41.57 25.52 -4.33
CA PRO A 513 -42.59 24.65 -3.73
C PRO A 513 -44.03 25.08 -4.01
N PHE A 514 -44.94 24.12 -4.06
CA PHE A 514 -46.36 24.41 -4.32
C PHE A 514 -47.14 24.50 -3.02
N LYS B 39 36.34 -5.78 7.90
CA LYS B 39 35.55 -4.58 7.49
C LYS B 39 34.54 -4.23 8.58
N THR B 40 34.03 -3.01 8.55
CA THR B 40 33.10 -2.55 9.57
C THR B 40 31.73 -3.19 9.37
N PHE B 41 30.93 -3.18 10.43
CA PHE B 41 29.57 -3.69 10.38
C PHE B 41 28.75 -3.05 9.27
N THR B 42 28.90 -1.74 9.08
CA THR B 42 28.14 -0.99 8.08
C THR B 42 28.60 -1.31 6.65
N GLU B 43 29.91 -1.42 6.47
CA GLU B 43 30.49 -1.85 5.17
C GLU B 43 29.97 -3.21 4.74
N VAL B 44 29.90 -4.14 5.70
CA VAL B 44 29.40 -5.49 5.44
C VAL B 44 27.93 -5.45 5.01
N GLN B 45 27.11 -4.74 5.78
CA GLN B 45 25.68 -4.58 5.48
C GLN B 45 25.45 -4.12 4.04
N THR B 46 26.18 -3.07 3.66
CA THR B 46 26.05 -2.49 2.33
C THR B 46 26.46 -3.49 1.23
N GLU B 47 27.54 -4.23 1.47
CA GLU B 47 28.02 -5.21 0.50
C GLU B 47 27.02 -6.37 0.37
N ARG B 48 26.51 -6.83 1.51
CA ARG B 48 25.53 -7.92 1.54
C ARG B 48 24.21 -7.53 0.90
N LEU B 49 23.80 -6.28 1.06
CA LEU B 49 22.53 -5.82 0.47
C LEU B 49 22.63 -5.62 -1.04
N GLU B 50 23.77 -5.13 -1.52
CA GLU B 50 24.01 -4.94 -2.95
C GLU B 50 24.02 -6.29 -3.68
N GLN B 51 24.59 -7.31 -3.02
CA GLN B 51 24.56 -8.67 -3.56
C GLN B 51 23.14 -9.25 -3.60
N ALA B 52 22.35 -8.95 -2.57
CA ALA B 52 20.95 -9.38 -2.53
C ALA B 52 20.13 -8.65 -3.58
N ASP B 53 20.53 -7.41 -3.88
CA ASP B 53 19.87 -6.58 -4.87
C ASP B 53 19.84 -7.24 -6.26
N ARG B 54 20.90 -7.97 -6.58
CA ARG B 54 21.03 -8.62 -7.88
C ARG B 54 20.97 -10.15 -7.74
N SER B 55 20.01 -10.61 -6.93
CA SER B 55 19.81 -12.02 -6.68
C SER B 55 18.35 -12.39 -6.87
N VAL B 56 18.12 -13.63 -7.29
CA VAL B 56 16.76 -14.12 -7.52
C VAL B 56 16.59 -15.50 -6.90
N LEU B 57 15.34 -15.87 -6.67
CA LEU B 57 14.98 -17.19 -6.22
C LEU B 57 14.22 -17.91 -7.32
N ILE B 58 14.51 -19.19 -7.49
CA ILE B 58 13.89 -19.99 -8.52
C ILE B 58 13.39 -21.30 -7.94
N LYS B 59 12.09 -21.54 -8.01
CA LYS B 59 11.54 -22.85 -7.69
C LYS B 59 11.86 -23.81 -8.83
N CYS B 60 12.75 -24.77 -8.56
CA CYS B 60 13.20 -25.70 -9.57
C CYS B 60 12.16 -26.79 -9.82
N PRO B 61 12.17 -27.38 -11.02
CA PRO B 61 11.32 -28.53 -11.31
C PRO B 61 11.87 -29.79 -10.64
N SER B 62 11.00 -30.76 -10.39
CA SER B 62 11.37 -32.01 -9.70
C SER B 62 12.58 -32.67 -10.38
N LYS B 63 12.52 -32.78 -11.70
CA LYS B 63 13.59 -33.35 -12.49
C LYS B 63 14.53 -32.22 -12.93
N LEU B 64 15.68 -32.10 -12.27
CA LEU B 64 16.56 -30.94 -12.42
C LEU B 64 17.93 -31.28 -13.01
N ASN B 65 18.29 -30.60 -14.09
CA ASN B 65 19.64 -30.66 -14.64
C ASN B 65 20.36 -29.34 -14.33
N GLU B 66 21.33 -29.40 -13.42
CA GLU B 66 22.00 -28.21 -12.93
C GLU B 66 22.63 -27.39 -14.05
N LYS B 67 23.43 -28.05 -14.89
CA LYS B 67 24.17 -27.35 -15.95
C LYS B 67 23.26 -26.65 -16.95
N LYS B 68 22.21 -27.33 -17.38
CA LYS B 68 21.22 -26.74 -18.30
C LYS B 68 20.70 -25.43 -17.75
N LEU B 69 20.24 -25.47 -16.50
CA LEU B 69 19.67 -24.31 -15.83
C LEU B 69 20.65 -23.14 -15.75
N LEU B 70 21.89 -23.44 -15.35
CA LEU B 70 22.91 -22.40 -15.21
C LEU B 70 23.39 -21.89 -16.57
N GLN B 71 23.68 -22.82 -17.48
CA GLN B 71 24.09 -22.44 -18.83
C GLN B 71 23.03 -21.53 -19.45
N TYR B 72 21.76 -21.87 -19.24
CA TYR B 72 20.67 -21.02 -19.72
C TYR B 72 20.70 -19.66 -19.02
N LEU B 73 20.69 -19.68 -17.70
CA LEU B 73 20.68 -18.45 -16.90
C LEU B 73 21.89 -17.55 -17.20
N SER B 74 23.02 -18.17 -17.52
CA SER B 74 24.24 -17.45 -17.91
C SER B 74 24.04 -16.57 -19.14
N SER B 75 23.06 -16.92 -19.97
CA SER B 75 22.74 -16.13 -21.16
C SER B 75 22.25 -14.73 -20.80
N HIS B 76 21.70 -14.56 -19.60
CA HIS B 76 21.26 -13.24 -19.13
C HIS B 76 22.38 -12.45 -18.46
N GLY B 77 23.51 -13.11 -18.20
CA GLY B 77 24.67 -12.47 -17.59
C GLY B 77 25.45 -13.43 -16.73
N LYS B 78 26.63 -13.01 -16.30
CA LYS B 78 27.49 -13.85 -15.47
C LYS B 78 26.86 -14.10 -14.08
N ILE B 79 27.11 -15.29 -13.53
CA ILE B 79 26.60 -15.66 -12.22
C ILE B 79 27.79 -15.78 -11.26
N ASP B 80 27.82 -14.95 -10.23
CA ASP B 80 28.88 -15.00 -9.21
C ASP B 80 28.72 -16.21 -8.31
N ASN B 81 27.57 -16.31 -7.64
CA ASN B 81 27.29 -17.41 -6.74
C ASN B 81 25.95 -18.04 -7.02
N TYR B 82 25.81 -19.28 -6.59
CA TYR B 82 24.52 -19.94 -6.55
C TYR B 82 24.57 -21.15 -5.63
N PHE B 83 23.42 -21.52 -5.09
CA PHE B 83 23.31 -22.76 -4.36
C PHE B 83 21.85 -23.20 -4.39
N PHE B 84 21.60 -24.41 -3.94
CA PHE B 84 20.26 -24.98 -3.89
C PHE B 84 19.92 -25.32 -2.45
N PHE B 85 18.62 -25.43 -2.16
CA PHE B 85 18.19 -25.83 -0.83
C PHE B 85 16.77 -26.43 -0.85
N GLU B 86 16.49 -27.23 0.16
CA GLU B 86 15.22 -27.96 0.26
C GLU B 86 14.24 -27.19 1.14
N ASN B 87 13.06 -26.91 0.60
CA ASN B 87 11.97 -26.33 1.37
C ASN B 87 10.67 -26.50 0.60
N ARG B 88 9.93 -27.57 0.91
CA ARG B 88 8.80 -28.00 0.11
C ARG B 88 9.23 -28.01 -1.36
N GLY B 89 10.22 -28.84 -1.65
CA GLY B 89 10.81 -28.89 -2.99
C GLY B 89 12.10 -28.10 -3.08
N ILE B 90 12.76 -28.20 -4.22
CA ILE B 90 14.09 -27.61 -4.40
C ILE B 90 14.00 -26.19 -4.92
N HIS B 91 14.70 -25.27 -4.25
CA HIS B 91 14.82 -23.89 -4.72
C HIS B 91 16.28 -23.59 -4.98
N ALA B 92 16.53 -22.52 -5.74
CA ALA B 92 17.89 -22.10 -6.04
C ALA B 92 18.05 -20.59 -5.87
N LEU B 93 19.07 -20.17 -5.14
CA LEU B 93 19.45 -18.76 -5.10
C LEU B 93 20.50 -18.53 -6.16
N ILE B 94 20.25 -17.59 -7.05
CA ILE B 94 21.18 -17.21 -8.10
C ILE B 94 21.59 -15.77 -7.86
N GLU B 95 22.89 -15.50 -7.84
CA GLU B 95 23.41 -14.16 -7.65
C GLU B 95 24.18 -13.73 -8.90
N PHE B 96 23.61 -12.79 -9.64
CA PHE B 96 24.25 -12.27 -10.85
C PHE B 96 25.29 -11.21 -10.49
N SER B 97 26.24 -10.99 -11.40
CA SER B 97 27.26 -9.96 -11.24
C SER B 97 26.71 -8.55 -11.49
N GLU B 98 25.76 -8.45 -12.42
CA GLU B 98 25.15 -7.18 -12.81
C GLU B 98 23.68 -7.21 -12.44
N LYS B 99 23.15 -6.07 -11.98
CA LYS B 99 21.71 -5.97 -11.69
C LYS B 99 20.88 -6.00 -12.98
N SER B 100 21.50 -5.59 -14.09
CA SER B 100 20.88 -5.65 -15.41
C SER B 100 20.46 -7.06 -15.82
N SER B 101 21.17 -8.07 -15.31
CA SER B 101 20.81 -9.48 -15.55
C SER B 101 19.43 -9.86 -15.01
N VAL B 102 19.03 -9.23 -13.89
CA VAL B 102 17.72 -9.49 -13.30
C VAL B 102 16.63 -8.95 -14.22
N ALA B 103 16.86 -7.77 -14.77
CA ALA B 103 15.93 -7.18 -15.75
C ALA B 103 15.82 -8.06 -16.97
N SER B 104 16.98 -8.42 -17.52
CA SER B 104 17.08 -9.34 -18.66
C SER B 104 16.31 -10.65 -18.43
N LEU B 105 16.43 -11.22 -17.23
CA LEU B 105 15.67 -12.43 -16.91
C LEU B 105 14.18 -12.14 -16.81
N GLN B 106 13.83 -11.02 -16.20
CA GLN B 106 12.43 -10.64 -16.05
C GLN B 106 11.77 -10.38 -17.40
N ALA B 107 12.56 -9.88 -18.35
CA ALA B 107 12.08 -9.60 -19.70
C ALA B 107 11.46 -10.82 -20.36
N VAL B 108 12.08 -11.98 -20.18
CA VAL B 108 11.60 -13.24 -20.79
C VAL B 108 10.71 -14.06 -19.85
N THR B 109 10.20 -13.42 -18.78
CA THR B 109 9.36 -14.11 -17.80
C THR B 109 7.92 -13.71 -18.00
N GLY B 110 7.01 -14.66 -17.83
CA GLY B 110 5.59 -14.42 -18.06
C GLY B 110 4.73 -14.61 -16.83
N ILE B 111 3.49 -14.16 -16.90
CA ILE B 111 2.53 -14.34 -15.83
C ILE B 111 1.86 -15.70 -16.03
N PRO B 112 1.66 -16.47 -14.94
CA PRO B 112 1.09 -17.82 -15.05
C PRO B 112 -0.23 -17.91 -15.82
N LYS B 113 -0.25 -18.78 -16.84
CA LYS B 113 -1.50 -19.19 -17.49
C LYS B 113 -2.37 -20.01 -16.54
N HIS B 117 -10.92 -14.26 -11.01
CA HIS B 117 -10.26 -15.01 -9.95
C HIS B 117 -8.97 -15.67 -10.45
N HIS B 118 -7.95 -14.85 -10.76
CA HIS B 118 -6.64 -15.35 -11.21
C HIS B 118 -5.53 -15.05 -10.18
N VAL B 119 -4.83 -13.92 -10.32
CA VAL B 119 -3.61 -13.67 -9.54
C VAL B 119 -3.35 -12.17 -9.35
N VAL B 120 -2.61 -11.84 -8.29
CA VAL B 120 -2.17 -10.48 -8.08
C VAL B 120 -0.88 -10.32 -8.88
N PRO B 121 -0.91 -9.49 -9.94
CA PRO B 121 0.22 -9.43 -10.86
C PRO B 121 1.39 -8.59 -10.34
N TYR B 122 1.87 -8.90 -9.14
CA TYR B 122 3.05 -8.22 -8.61
C TYR B 122 4.30 -8.97 -9.06
N LYS B 123 5.13 -8.31 -9.86
CA LYS B 123 6.34 -8.92 -10.39
C LYS B 123 7.49 -8.69 -9.43
N SER B 124 8.03 -9.79 -8.90
CA SER B 124 9.19 -9.72 -8.01
C SER B 124 10.31 -10.55 -8.60
N ARG B 125 11.15 -11.11 -7.74
CA ARG B 125 12.25 -11.96 -8.16
C ARG B 125 12.08 -13.38 -7.63
N LEU B 126 10.84 -13.85 -7.56
CA LEU B 126 10.53 -15.23 -7.24
C LEU B 126 10.00 -15.88 -8.51
N PHE B 127 10.77 -16.82 -9.04
CA PHE B 127 10.44 -17.47 -10.30
C PHE B 127 10.09 -18.92 -10.11
N THR B 128 9.46 -19.48 -11.14
CA THR B 128 9.20 -20.90 -11.22
C THR B 128 9.61 -21.35 -12.61
N PHE B 129 10.53 -22.29 -12.67
CA PHE B 129 11.03 -22.79 -13.92
C PHE B 129 10.42 -24.18 -13.98
N THR B 130 9.49 -24.39 -14.92
CA THR B 130 8.98 -25.74 -15.20
C THR B 130 9.65 -26.25 -16.47
N LEU B 131 9.36 -27.51 -16.82
CA LEU B 131 9.80 -28.08 -18.09
C LEU B 131 8.72 -27.89 -19.14
N LYS B 132 9.13 -27.51 -20.35
CA LYS B 132 8.19 -27.33 -21.45
C LYS B 132 7.53 -28.67 -21.77
N ASN B 133 8.36 -29.69 -21.98
CA ASN B 133 7.92 -31.05 -22.22
C ASN B 133 8.36 -31.96 -21.08
N PRO B 134 7.52 -32.10 -20.03
CA PRO B 134 7.87 -32.97 -18.90
C PRO B 134 8.13 -34.42 -19.32
N GLY B 135 7.41 -34.89 -20.34
CA GLY B 135 7.45 -36.29 -20.74
C GLY B 135 8.78 -36.77 -21.29
N SER B 136 9.37 -35.99 -22.18
CA SER B 136 10.60 -36.40 -22.86
C SER B 136 11.85 -35.91 -22.10
N GLN B 137 11.96 -36.34 -20.84
CA GLN B 137 13.09 -35.98 -19.98
C GLN B 137 13.65 -37.16 -19.14
N ALA B 138 14.44 -36.85 -18.13
CA ALA B 138 15.02 -37.84 -17.21
C ALA B 138 16.04 -38.71 -17.93
N GLU B 140 19.58 -34.65 -16.47
CA GLU B 140 18.18 -34.60 -16.07
C GLU B 140 18.00 -35.20 -14.67
N GLU B 141 18.42 -36.45 -14.50
CA GLU B 141 18.19 -37.19 -13.24
C GLU B 141 19.37 -37.20 -12.26
N ARG B 142 20.37 -36.36 -12.50
CA ARG B 142 21.53 -36.27 -11.63
C ARG B 142 21.20 -35.47 -10.38
N PRO B 143 21.52 -36.00 -9.19
CA PRO B 143 21.13 -35.33 -7.94
C PRO B 143 21.93 -34.07 -7.65
N VAL B 144 21.30 -33.12 -6.94
CA VAL B 144 21.89 -31.80 -6.68
C VAL B 144 22.28 -31.67 -5.20
N LYS B 145 23.28 -30.82 -4.93
CA LYS B 145 23.75 -30.56 -3.56
C LYS B 145 22.81 -29.60 -2.81
N ILE B 146 22.36 -30.03 -1.63
CA ILE B 146 21.43 -29.25 -0.81
C ILE B 146 22.17 -28.57 0.35
N SER B 147 22.29 -27.24 0.28
CA SER B 147 22.80 -26.46 1.40
C SER B 147 21.76 -26.46 2.52
N PRO B 148 22.12 -26.98 3.69
CA PRO B 148 21.17 -27.09 4.79
C PRO B 148 20.87 -25.73 5.41
N GLN B 149 19.61 -25.51 5.80
CA GLN B 149 19.18 -24.25 6.39
C GLN B 149 18.70 -24.42 7.82
N SER B 150 18.97 -25.59 8.41
CA SER B 150 18.67 -25.86 9.81
C SER B 150 19.75 -26.76 10.40
N HIS B 151 19.98 -26.65 11.70
CA HIS B 151 21.04 -27.41 12.35
C HIS B 151 20.56 -28.80 12.72
N ILE B 152 21.50 -29.72 12.90
CA ILE B 152 21.17 -31.05 13.39
C ILE B 152 20.59 -30.93 14.80
N PRO B 153 19.61 -31.78 15.14
CA PRO B 153 18.94 -31.65 16.44
C PRO B 153 19.86 -32.05 17.60
N VAL B 154 19.45 -31.68 18.81
CA VAL B 154 20.31 -31.83 20.00
C VAL B 154 20.75 -33.28 20.23
N ASN B 155 19.84 -34.22 20.00
CA ASN B 155 20.13 -35.64 20.21
C ASN B 155 21.19 -36.22 19.25
N GLU B 156 21.27 -35.68 18.03
CA GLU B 156 22.33 -36.08 17.09
C GLU B 156 23.68 -35.46 17.46
N LEU B 157 23.63 -34.30 18.10
CA LEU B 157 24.82 -33.54 18.45
C LEU B 157 25.60 -34.18 19.60
N ILE B 158 24.89 -34.74 20.57
CA ILE B 158 25.52 -35.31 21.77
C ILE B 158 26.59 -36.37 21.44
N PRO B 159 26.28 -37.32 20.54
CA PRO B 159 27.32 -38.23 20.04
C PRO B 159 28.57 -37.54 19.52
N LYS B 160 28.40 -36.58 18.61
CA LYS B 160 29.53 -35.83 18.06
C LYS B 160 30.36 -35.17 19.16
N LEU B 161 29.69 -34.72 20.22
CA LEU B 161 30.38 -34.08 21.33
C LEU B 161 31.19 -35.05 22.18
N CYS B 162 30.63 -36.24 22.42
CA CYS B 162 31.34 -37.26 23.21
C CYS B 162 32.61 -37.74 22.52
N HIS B 163 32.55 -37.88 21.20
CA HIS B 163 33.69 -38.35 20.40
C HIS B 163 34.82 -37.30 20.26
N ALA B 164 34.56 -36.07 20.68
CA ALA B 164 35.59 -35.02 20.65
C ALA B 164 36.72 -35.33 21.63
N ASP B 165 37.78 -34.52 21.58
CA ASP B 165 38.96 -34.72 22.42
C ASP B 165 38.84 -33.97 23.74
N SER B 166 38.77 -32.64 23.66
CA SER B 166 38.68 -31.78 24.83
C SER B 166 37.33 -31.09 24.85
N ILE B 167 37.10 -30.29 25.89
CA ILE B 167 35.90 -29.45 25.98
C ILE B 167 36.00 -28.32 24.96
N SER B 168 37.20 -27.78 24.79
CA SER B 168 37.42 -26.69 23.82
C SER B 168 36.89 -27.10 22.45
N SER B 169 37.19 -28.32 22.02
CA SER B 169 36.74 -28.85 20.73
C SER B 169 35.23 -29.07 20.69
N GLN B 170 34.66 -29.51 21.80
CA GLN B 170 33.21 -29.68 21.90
C GLN B 170 32.50 -28.38 21.54
N MET B 171 32.94 -27.28 22.15
CA MET B 171 32.31 -25.99 21.94
C MET B 171 32.49 -25.49 20.51
N TYR B 172 33.57 -25.89 19.85
CA TYR B 172 33.79 -25.50 18.46
C TYR B 172 33.00 -26.39 17.49
N ILE B 173 32.78 -27.65 17.87
CA ILE B 173 31.89 -28.51 17.11
C ILE B 173 30.49 -27.92 17.13
N LEU B 174 29.98 -27.66 18.33
CA LEU B 174 28.66 -27.06 18.49
C LEU B 174 28.57 -25.76 17.70
N LEU B 175 29.54 -24.88 17.87
CA LEU B 175 29.58 -23.62 17.14
C LEU B 175 29.45 -23.85 15.63
N ASN B 176 30.26 -24.76 15.10
CA ASN B 176 30.24 -25.05 13.66
C ASN B 176 28.91 -25.61 13.20
N GLU B 177 28.31 -26.47 14.02
CA GLU B 177 27.04 -27.10 13.68
C GLU B 177 25.87 -26.14 13.68
N TYR B 178 25.92 -25.10 14.52
CA TYR B 178 24.78 -24.24 14.77
C TYR B 178 24.85 -22.90 14.07
N GLN B 179 26.05 -22.37 13.87
CA GLN B 179 26.17 -21.01 13.33
C GLN B 179 25.60 -20.88 11.92
N LEU B 180 25.35 -19.64 11.52
CA LEU B 180 24.83 -19.38 10.18
C LEU B 180 25.92 -19.70 9.16
N THR B 181 25.49 -20.32 8.06
CA THR B 181 26.37 -20.58 6.93
C THR B 181 26.34 -19.38 6.00
N GLU B 182 27.25 -19.35 5.05
CA GLU B 182 27.27 -18.28 4.05
C GLU B 182 25.95 -18.26 3.27
N GLU B 183 25.53 -19.44 2.84
CA GLU B 183 24.32 -19.57 2.04
C GLU B 183 23.10 -19.01 2.77
N ASN B 184 22.94 -19.42 4.02
CA ASN B 184 21.85 -18.94 4.86
C ASN B 184 21.86 -17.42 5.01
N ILE B 185 23.03 -16.84 5.21
CA ILE B 185 23.16 -15.38 5.32
C ILE B 185 22.62 -14.70 4.06
N LYS B 186 23.10 -15.14 2.90
CA LYS B 186 22.60 -14.62 1.62
C LYS B 186 21.09 -14.73 1.49
N LEU B 187 20.53 -15.82 2.01
CA LEU B 187 19.10 -16.03 1.95
C LEU B 187 18.36 -15.01 2.82
N ARG B 188 18.93 -14.74 4.00
CA ARG B 188 18.36 -13.75 4.92
C ARG B 188 18.38 -12.35 4.32
N TYR B 189 19.49 -11.98 3.69
CA TYR B 189 19.58 -10.67 3.03
C TYR B 189 18.66 -10.59 1.83
N LEU B 190 18.49 -11.69 1.11
CA LEU B 190 17.54 -11.74 -0.01
C LEU B 190 16.14 -11.47 0.49
N ALA B 191 15.75 -12.13 1.57
CA ALA B 191 14.42 -11.94 2.16
C ALA B 191 14.15 -10.47 2.45
N CYS B 192 15.14 -9.77 2.98
CA CYS B 192 15.00 -8.35 3.27
C CYS B 192 14.81 -7.57 1.98
N SER B 193 15.62 -7.90 0.97
CA SER B 193 15.57 -7.22 -0.32
C SER B 193 14.21 -7.34 -1.00
N LEU B 194 13.55 -8.47 -0.81
CA LEU B 194 12.20 -8.68 -1.37
C LEU B 194 11.15 -7.87 -0.62
N VAL B 195 11.27 -7.78 0.69
CA VAL B 195 10.35 -6.96 1.48
C VAL B 195 10.60 -5.49 1.14
N ARG B 196 11.85 -5.13 0.93
CA ARG B 196 12.17 -3.81 0.47
C ARG B 196 11.40 -3.57 -0.82
N ASP B 197 11.57 -4.45 -1.82
CA ASP B 197 10.87 -4.33 -3.12
C ASP B 197 9.36 -4.25 -2.93
N PHE B 198 8.83 -4.98 -1.97
CA PHE B 198 7.40 -4.93 -1.69
C PHE B 198 6.98 -3.57 -1.09
N ALA B 199 7.77 -3.07 -0.15
CA ALA B 199 7.51 -1.78 0.49
C ALA B 199 7.70 -0.62 -0.49
N ARG B 200 8.60 -0.78 -1.45
CA ARG B 200 8.91 0.28 -2.41
C ARG B 200 7.78 0.55 -3.41
N ALA B 201 6.77 -0.30 -3.42
CA ALA B 201 5.53 -0.08 -4.16
C ALA B 201 4.86 1.25 -3.77
N TYR B 202 4.71 1.47 -2.46
CA TYR B 202 4.11 2.71 -1.92
C TYR B 202 5.16 3.73 -1.47
N PHE B 203 6.31 3.23 -1.04
CA PHE B 203 7.34 4.03 -0.39
C PHE B 203 8.67 3.87 -1.11
N PRO B 204 8.82 4.51 -2.29
CA PRO B 204 9.99 4.30 -3.15
C PRO B 204 11.35 4.40 -2.45
N ASP B 205 11.44 5.29 -1.48
CA ASP B 205 12.72 5.56 -0.81
C ASP B 205 13.11 4.53 0.24
N SER B 206 12.18 3.67 0.61
CA SER B 206 12.39 2.67 1.68
C SER B 206 13.64 1.82 1.50
N THR B 207 14.21 1.41 2.64
CA THR B 207 15.18 0.33 2.69
C THR B 207 14.76 -0.63 3.80
N VAL B 208 15.10 -1.90 3.68
CA VAL B 208 14.86 -2.90 4.73
C VAL B 208 16.17 -3.61 5.03
N LYS B 209 16.54 -3.60 6.31
CA LYS B 209 17.84 -4.09 6.75
C LYS B 209 17.66 -5.03 7.93
N PRO B 210 18.41 -6.15 7.95
CA PRO B 210 18.27 -7.05 9.09
C PRO B 210 19.12 -6.59 10.27
N PHE B 211 18.64 -6.89 11.47
CA PHE B 211 19.38 -6.68 12.70
C PHE B 211 19.23 -7.93 13.57
N GLY B 212 19.80 -7.90 14.77
CA GLY B 212 19.72 -9.05 15.68
C GLY B 212 20.59 -10.21 15.27
N SER B 213 20.14 -11.41 15.61
CA SER B 213 20.89 -12.66 15.39
C SER B 213 21.44 -12.80 13.97
N SER B 214 20.63 -12.42 12.99
CA SER B 214 20.99 -12.57 11.58
C SER B 214 22.29 -11.84 11.19
N VAL B 215 22.66 -10.79 11.94
CA VAL B 215 23.86 -10.01 11.59
C VAL B 215 24.85 -9.72 12.71
N ASN B 216 24.53 -10.04 13.96
CA ASN B 216 25.42 -9.76 15.09
C ASN B 216 26.44 -10.87 15.36
N THR B 217 26.49 -11.86 14.45
CA THR B 217 27.42 -13.00 14.52
C THR B 217 27.02 -14.09 15.53
N PHE B 218 25.97 -13.85 16.32
CA PHE B 218 25.52 -14.84 17.30
C PHE B 218 24.31 -15.63 16.81
N GLY B 219 23.96 -15.49 15.53
CA GLY B 219 22.79 -16.18 15.01
C GLY B 219 23.05 -17.66 14.82
N LYS B 220 22.04 -18.46 15.13
CA LYS B 220 22.08 -19.89 14.82
C LYS B 220 21.04 -20.21 13.77
N LEU B 221 21.24 -21.32 13.06
CA LEU B 221 20.33 -21.72 12.01
C LEU B 221 18.93 -21.94 12.57
N GLY B 222 17.92 -21.42 11.86
CA GLY B 222 16.53 -21.54 12.27
C GLY B 222 16.01 -20.33 13.04
N CYS B 223 16.89 -19.41 13.40
CA CYS B 223 16.47 -18.22 14.13
C CYS B 223 15.73 -17.26 13.19
N ASP B 224 14.88 -16.42 13.76
CA ASP B 224 14.05 -15.50 12.98
C ASP B 224 14.89 -14.42 12.29
N VAL B 225 14.34 -13.85 11.22
CA VAL B 225 14.95 -12.71 10.55
C VAL B 225 14.26 -11.42 11.01
N ASP B 226 14.94 -10.66 11.85
CA ASP B 226 14.44 -9.37 12.31
C ASP B 226 14.75 -8.29 11.27
N MET B 227 13.73 -7.58 10.80
CA MET B 227 13.89 -6.60 9.72
C MET B 227 13.50 -5.20 10.17
N PHE B 228 14.33 -4.22 9.86
CA PHE B 228 13.99 -2.81 10.10
C PHE B 228 13.64 -2.13 8.80
N LEU B 229 12.47 -1.50 8.76
CA LEU B 229 12.07 -0.64 7.66
C LEU B 229 12.56 0.77 7.95
N ASP B 230 13.33 1.34 7.02
CA ASP B 230 13.92 2.67 7.16
C ASP B 230 13.51 3.59 6.00
N PHE B 231 13.58 4.89 6.22
CA PHE B 231 13.20 5.88 5.22
C PHE B 231 14.28 6.94 4.91
N HIS B 232 15.12 6.65 3.93
CA HIS B 232 16.16 7.59 3.45
C HIS B 232 16.19 7.63 1.92
N ASP B 233 16.32 8.82 1.36
CA ASP B 233 16.31 9.03 -0.10
C ASP B 233 16.94 7.87 -0.88
N LYS B 242 18.51 23.32 -6.94
CA LYS B 242 18.38 24.04 -8.20
C LYS B 242 18.12 25.54 -7.96
N LYS B 243 17.94 26.30 -9.05
CA LYS B 243 17.89 27.77 -9.00
C LYS B 243 16.63 28.33 -8.35
N GLY B 244 15.56 27.53 -8.29
CA GLY B 244 14.22 28.03 -7.98
C GLY B 244 14.07 28.82 -6.69
N PRO B 245 13.13 29.78 -6.68
CA PRO B 245 12.84 30.58 -5.49
C PRO B 245 11.95 29.91 -4.45
N PHE B 246 11.39 28.73 -4.77
CA PHE B 246 10.45 28.07 -3.86
C PHE B 246 11.07 26.86 -3.20
N GLU B 247 10.70 26.65 -1.93
CA GLU B 247 10.98 25.42 -1.21
C GLU B 247 9.78 24.52 -1.39
N MET B 248 9.95 23.45 -2.16
CA MET B 248 8.84 22.59 -2.58
C MET B 248 8.80 21.32 -1.77
N GLU B 249 7.68 21.09 -1.09
CA GLU B 249 7.53 19.91 -0.26
C GLU B 249 6.19 19.20 -0.48
N TYR B 250 6.20 17.89 -0.28
CA TYR B 250 5.00 17.07 -0.40
C TYR B 250 3.99 17.45 0.66
N GLN B 251 2.72 17.41 0.30
CA GLN B 251 1.63 17.57 1.24
C GLN B 251 1.41 16.21 1.89
N MET B 252 1.48 16.15 3.21
CA MET B 252 1.37 14.91 3.96
C MET B 252 0.65 15.20 5.29
N LYS B 253 -0.07 14.22 5.84
CA LYS B 253 -0.72 14.41 7.16
C LYS B 253 0.33 14.36 8.25
N ARG B 254 0.24 15.29 9.19
CA ARG B 254 1.10 15.30 10.36
C ARG B 254 0.39 14.49 11.44
N LEU B 255 0.83 13.25 11.63
CA LEU B 255 0.37 12.43 12.74
C LEU B 255 1.06 12.91 14.02
N PRO B 256 0.37 12.80 15.17
CA PRO B 256 0.98 13.26 16.41
C PRO B 256 2.35 12.63 16.70
N SER B 257 2.42 11.32 16.92
CA SER B 257 3.69 10.64 17.17
C SER B 257 4.25 9.72 16.08
N GLU B 258 5.59 9.66 16.03
CA GLU B 258 6.33 8.62 15.30
C GLU B 258 5.63 7.28 15.42
N ARG B 259 5.17 6.98 16.63
CA ARG B 259 4.53 5.71 16.91
C ARG B 259 3.27 5.49 16.09
N LEU B 260 2.40 6.49 16.01
CA LEU B 260 1.17 6.36 15.24
C LEU B 260 1.44 6.17 13.75
N ALA B 261 2.43 6.87 13.24
CA ALA B 261 2.85 6.71 11.84
C ALA B 261 3.31 5.29 11.60
N THR B 262 4.18 4.82 12.47
CA THR B 262 4.69 3.46 12.44
C THR B 262 3.58 2.42 12.40
N GLN B 263 2.63 2.55 13.32
CA GLN B 263 1.53 1.59 13.41
C GLN B 263 0.72 1.53 12.13
N LYS B 264 0.46 2.70 11.53
CA LYS B 264 -0.32 2.76 10.32
C LYS B 264 0.43 2.22 9.11
N ILE B 265 1.69 2.61 8.96
CA ILE B 265 2.54 2.10 7.88
C ILE B 265 2.63 0.58 7.90
N LEU B 266 2.83 0.03 9.09
CA LEU B 266 3.02 -1.41 9.24
C LEU B 266 1.71 -2.17 9.10
N SER B 267 0.61 -1.53 9.49
CA SER B 267 -0.72 -2.15 9.34
C SER B 267 -1.04 -2.37 7.86
N ILE B 268 -0.81 -1.34 7.06
CA ILE B 268 -1.08 -1.42 5.63
C ILE B 268 -0.12 -2.37 4.91
N ILE B 269 1.17 -2.29 5.21
CA ILE B 269 2.14 -3.21 4.62
C ILE B 269 1.82 -4.65 5.03
N GLY B 270 1.39 -4.86 6.26
CA GLY B 270 1.00 -6.19 6.73
C GLY B 270 -0.10 -6.77 5.89
N ASP B 271 -1.13 -5.97 5.64
CA ASP B 271 -2.29 -6.41 4.83
C ASP B 271 -1.90 -6.70 3.39
N CYS B 272 -1.01 -5.88 2.85
CA CYS B 272 -0.51 -6.11 1.50
C CYS B 272 0.24 -7.43 1.37
N LEU B 273 1.14 -7.71 2.31
CA LEU B 273 1.84 -8.99 2.33
C LEU B 273 0.84 -10.13 2.40
N ASP B 274 -0.19 -9.96 3.22
CA ASP B 274 -1.23 -10.97 3.42
C ASP B 274 -1.92 -11.29 2.10
N ASN B 275 -2.41 -10.25 1.42
CA ASN B 275 -3.31 -10.42 0.28
C ASN B 275 -2.65 -10.27 -1.09
N PHE B 276 -1.55 -9.52 -1.17
CA PHE B 276 -0.85 -9.32 -2.45
C PHE B 276 0.55 -9.92 -2.49
N GLY B 277 1.17 -10.11 -1.34
CA GLY B 277 2.55 -10.59 -1.27
C GLY B 277 2.74 -12.05 -1.63
N PRO B 278 3.62 -12.33 -2.59
CA PRO B 278 3.90 -13.70 -2.96
C PRO B 278 4.85 -14.40 -1.99
N GLY B 279 4.37 -15.52 -1.44
CA GLY B 279 5.13 -16.37 -0.52
C GLY B 279 4.88 -16.08 0.95
N TYR B 280 4.24 -14.95 1.25
CA TYR B 280 4.10 -14.50 2.65
C TYR B 280 2.81 -15.05 3.26
N SER B 281 2.88 -15.61 4.46
CA SER B 281 1.70 -16.14 5.16
C SER B 281 1.81 -15.98 6.68
N SER B 282 0.75 -16.34 7.39
CA SER B 282 0.72 -16.28 8.86
C SER B 282 1.05 -14.88 9.38
N VAL B 283 0.50 -13.88 8.69
CA VAL B 283 0.83 -12.49 8.99
C VAL B 283 0.13 -12.02 10.27
N GLN B 284 0.90 -11.86 11.34
CA GLN B 284 0.37 -11.37 12.62
C GLN B 284 0.76 -9.91 12.80
N LYS B 285 -0.24 -9.07 13.10
CA LYS B 285 0.02 -7.69 13.49
C LYS B 285 0.12 -7.59 15.00
N ILE B 286 1.24 -7.06 15.47
CA ILE B 286 1.47 -6.80 16.89
C ILE B 286 1.89 -5.34 17.01
N LEU B 287 0.93 -4.47 16.74
CA LEU B 287 1.19 -3.04 16.62
C LEU B 287 1.19 -2.32 17.97
N ASN B 288 0.61 -2.96 18.99
CA ASN B 288 0.54 -2.36 20.34
C ASN B 288 1.74 -2.67 21.22
N ALA B 289 2.69 -3.45 20.72
CA ALA B 289 3.91 -3.76 21.46
C ALA B 289 4.76 -2.50 21.69
N ARG B 290 5.80 -2.65 22.53
CA ARG B 290 6.72 -1.56 22.81
C ARG B 290 7.31 -1.04 21.51
N CYS B 291 7.84 -1.96 20.71
CA CYS B 291 8.23 -1.70 19.34
C CYS B 291 7.18 -2.35 18.44
N PRO B 292 6.35 -1.55 17.76
CA PRO B 292 5.33 -2.10 16.86
C PRO B 292 5.93 -3.06 15.85
N LEU B 293 5.22 -4.15 15.58
CA LEU B 293 5.81 -5.29 14.92
C LEU B 293 4.81 -6.03 14.05
N VAL B 294 5.30 -6.57 12.93
CA VAL B 294 4.52 -7.47 12.10
C VAL B 294 5.31 -8.76 11.93
N LYS B 295 4.73 -9.88 12.38
CA LYS B 295 5.35 -11.19 12.20
C LYS B 295 4.74 -11.88 11.00
N PHE B 296 5.56 -12.59 10.22
CA PHE B 296 5.07 -13.34 9.08
C PHE B 296 6.05 -14.43 8.67
N SER B 297 5.54 -15.37 7.90
CA SER B 297 6.33 -16.48 7.41
C SER B 297 6.54 -16.30 5.91
N HIS B 298 7.78 -16.49 5.46
CA HIS B 298 8.10 -16.41 4.03
C HIS B 298 8.41 -17.79 3.46
N GLN B 299 7.48 -18.32 2.66
CA GLN B 299 7.49 -19.73 2.27
C GLN B 299 8.62 -20.17 1.35
N PRO B 300 9.04 -19.32 0.40
CA PRO B 300 10.16 -19.69 -0.47
C PRO B 300 11.46 -19.96 0.30
N THR B 301 11.79 -19.06 1.22
CA THR B 301 13.00 -19.16 2.05
C THR B 301 12.78 -20.01 3.29
N GLY B 302 11.55 -20.03 3.81
CA GLY B 302 11.22 -20.79 5.01
C GLY B 302 11.45 -20.02 6.29
N PHE B 303 11.85 -18.75 6.18
CA PHE B 303 12.14 -17.93 7.35
C PHE B 303 10.90 -17.41 8.05
N GLN B 304 10.99 -17.35 9.37
CA GLN B 304 10.04 -16.64 10.17
C GLN B 304 10.62 -15.23 10.28
N CYS B 305 9.82 -14.22 9.95
CA CYS B 305 10.31 -12.84 9.90
C CYS B 305 9.52 -11.92 10.80
N ASP B 306 10.21 -10.92 11.32
CA ASP B 306 9.60 -9.90 12.16
C ASP B 306 9.97 -8.53 11.58
N LEU B 307 8.97 -7.76 11.19
CA LEU B 307 9.19 -6.46 10.55
C LEU B 307 8.77 -5.31 11.47
N SER B 308 9.68 -4.36 11.67
CA SER B 308 9.40 -3.18 12.48
C SER B 308 10.09 -1.95 11.89
N VAL B 309 9.76 -0.78 12.41
CA VAL B 309 10.34 0.48 11.92
C VAL B 309 11.66 0.72 12.61
N SER B 310 12.61 1.27 11.87
CA SER B 310 13.98 1.39 12.34
C SER B 310 14.06 2.02 13.75
N ASN B 311 14.73 1.31 14.66
CA ASN B 311 15.03 1.81 16.00
C ASN B 311 16.56 1.87 16.09
N SER B 312 17.08 3.08 16.14
CA SER B 312 18.52 3.27 16.06
C SER B 312 19.27 2.64 17.23
N ILE B 313 18.63 2.51 18.39
CA ILE B 313 19.25 1.87 19.56
C ILE B 313 19.52 0.39 19.27
N ALA B 314 18.51 -0.29 18.73
CA ALA B 314 18.63 -1.72 18.43
C ALA B 314 19.69 -2.02 17.37
N ILE B 315 19.94 -1.07 16.48
CA ILE B 315 21.01 -1.18 15.49
C ILE B 315 22.37 -1.10 16.17
N ARG B 316 22.48 -0.27 17.20
CA ARG B 316 23.73 -0.14 17.92
C ARG B 316 24.07 -1.40 18.71
N CYS B 317 23.07 -1.97 19.38
CA CYS B 317 23.23 -3.23 20.11
C CYS B 317 23.73 -4.33 19.18
N SER B 318 23.17 -4.36 17.97
CA SER B 318 23.56 -5.35 16.99
C SER B 318 25.00 -5.14 16.55
N GLU B 319 25.40 -3.89 16.33
CA GLU B 319 26.77 -3.58 15.97
C GLU B 319 27.74 -3.83 17.13
N LEU B 320 27.30 -3.55 18.35
CA LEU B 320 28.11 -3.80 19.53
C LEU B 320 28.45 -5.28 19.61
N LEU B 321 27.43 -6.12 19.60
CA LEU B 321 27.62 -7.56 19.68
C LEU B 321 28.45 -8.09 18.53
N TYR B 322 28.30 -7.47 17.36
CA TYR B 322 29.12 -7.81 16.20
C TYR B 322 30.60 -7.65 16.54
N ILE B 323 30.95 -6.51 17.14
CA ILE B 323 32.32 -6.23 17.48
C ILE B 323 32.85 -7.29 18.45
N TYR B 324 32.14 -7.51 19.55
CA TYR B 324 32.52 -8.53 20.52
C TYR B 324 32.62 -9.92 19.89
N GLY B 325 31.71 -10.22 18.98
CA GLY B 325 31.75 -11.47 18.25
C GLY B 325 32.99 -11.56 17.38
N CYS B 326 33.35 -10.46 16.71
CA CYS B 326 34.49 -10.44 15.80
C CYS B 326 35.84 -10.35 16.51
N LEU B 327 35.85 -9.87 17.77
CA LEU B 327 37.11 -9.67 18.50
C LEU B 327 37.83 -10.97 18.84
N ASP B 328 37.09 -12.02 19.14
CA ASP B 328 37.70 -13.28 19.57
C ASP B 328 36.72 -14.45 19.38
N PRO B 329 37.19 -15.56 18.77
CA PRO B 329 36.30 -16.69 18.53
C PRO B 329 35.76 -17.39 19.78
N ARG B 330 36.46 -17.26 20.90
CA ARG B 330 35.99 -17.82 22.17
C ARG B 330 34.66 -17.18 22.60
N VAL B 331 34.50 -15.89 22.31
CA VAL B 331 33.26 -15.17 22.62
C VAL B 331 32.05 -15.88 22.00
N ARG B 332 32.13 -16.16 20.71
CA ARG B 332 31.05 -16.86 20.03
C ARG B 332 30.90 -18.27 20.56
N ALA B 333 31.99 -19.02 20.59
CA ALA B 333 31.94 -20.39 21.11
C ALA B 333 31.26 -20.47 22.48
N LEU B 334 31.49 -19.47 23.31
CA LEU B 334 30.96 -19.49 24.67
C LEU B 334 29.45 -19.18 24.66
N VAL B 335 29.04 -18.19 23.87
CA VAL B 335 27.64 -17.81 23.77
C VAL B 335 26.76 -18.95 23.23
N PHE B 336 27.18 -19.55 22.11
CA PHE B 336 26.42 -20.63 21.50
C PHE B 336 26.18 -21.80 22.45
N SER B 337 27.20 -22.15 23.22
CA SER B 337 27.10 -23.27 24.16
C SER B 337 26.18 -22.94 25.32
N LEU B 338 26.27 -21.71 25.83
CA LEU B 338 25.48 -21.33 26.99
C LEU B 338 24.04 -21.05 26.61
N ARG B 339 23.80 -20.59 25.39
CA ARG B 339 22.44 -20.52 24.85
C ARG B 339 21.80 -21.89 24.87
N CYS B 340 22.49 -22.85 24.25
CA CYS B 340 22.00 -24.22 24.16
C CYS B 340 21.77 -24.83 25.54
N TRP B 341 22.69 -24.57 26.46
CA TRP B 341 22.56 -24.99 27.86
C TRP B 341 21.30 -24.44 28.49
N ALA B 342 21.04 -23.15 28.28
CA ALA B 342 19.86 -22.50 28.85
C ALA B 342 18.56 -23.11 28.31
N ARG B 343 18.55 -23.37 27.01
CA ARG B 343 17.39 -24.00 26.37
C ARG B 343 17.16 -25.39 26.94
N VAL B 344 18.23 -26.18 27.03
CA VAL B 344 18.14 -27.55 27.49
C VAL B 344 17.51 -27.69 28.88
N HIS B 345 17.87 -26.78 29.79
CA HIS B 345 17.37 -26.86 31.16
C HIS B 345 16.13 -25.99 31.40
N GLY B 346 15.54 -25.48 30.32
CA GLY B 346 14.32 -24.70 30.40
C GLY B 346 14.48 -23.33 31.05
N LEU B 347 15.69 -22.76 30.98
CA LEU B 347 15.91 -21.41 31.52
C LEU B 347 15.44 -20.35 30.53
N THR B 348 15.55 -20.64 29.23
CA THR B 348 15.03 -19.77 28.18
C THR B 348 13.84 -20.44 27.49
N ASN B 349 12.85 -19.62 27.13
CA ASN B 349 11.68 -20.09 26.41
C ASN B 349 11.50 -19.26 25.15
N SER B 350 10.75 -19.79 24.18
CA SER B 350 10.46 -19.06 22.94
C SER B 350 9.46 -17.91 23.17
N VAL B 351 8.44 -18.17 24.00
CA VAL B 351 7.43 -17.16 24.34
C VAL B 351 7.89 -16.30 25.53
N PRO B 352 7.75 -14.97 25.43
CA PRO B 352 8.11 -14.05 26.53
C PRO B 352 7.43 -14.37 27.86
N GLY B 353 8.00 -13.83 28.94
CA GLY B 353 7.51 -14.07 30.30
C GLY B 353 8.56 -13.72 31.33
N THR B 354 8.63 -14.52 32.40
CA THR B 354 9.61 -14.31 33.47
C THR B 354 10.96 -15.00 33.20
N TRP B 355 11.03 -15.76 32.11
CA TRP B 355 12.24 -16.45 31.70
C TRP B 355 13.35 -15.46 31.35
N ILE B 356 14.59 -15.86 31.58
CA ILE B 356 15.73 -15.10 31.08
C ILE B 356 15.72 -15.22 29.56
N THR B 357 15.99 -14.10 28.88
CA THR B 357 16.02 -14.06 27.42
C THR B 357 17.45 -14.26 26.92
N ASN B 358 17.57 -14.85 25.73
CA ASN B 358 18.87 -15.05 25.10
C ASN B 358 19.71 -13.77 25.08
N PHE B 359 19.08 -12.63 24.84
CA PHE B 359 19.79 -11.36 24.80
C PHE B 359 20.37 -11.03 26.17
N SER B 360 19.53 -11.12 27.20
CA SER B 360 20.00 -10.91 28.57
C SER B 360 21.15 -11.86 28.89
N LEU B 361 20.93 -13.14 28.59
CA LEU B 361 21.96 -14.16 28.80
C LEU B 361 23.23 -13.82 28.03
N THR B 362 23.07 -13.31 26.81
CA THR B 362 24.22 -12.90 26.03
C THR B 362 24.95 -11.74 26.71
N MET B 363 24.20 -10.82 27.30
CA MET B 363 24.80 -9.69 28.00
C MET B 363 25.56 -10.09 29.27
N MET B 364 25.08 -11.11 29.96
CA MET B 364 25.79 -11.66 31.11
C MET B 364 27.14 -12.21 30.66
N ILE B 365 27.10 -13.00 29.59
CA ILE B 365 28.32 -13.59 29.04
C ILE B 365 29.34 -12.51 28.65
N MET B 366 28.86 -11.41 28.07
CA MET B 366 29.76 -10.30 27.72
C MET B 366 30.35 -9.67 28.97
N PHE B 367 29.52 -9.42 29.97
CA PHE B 367 29.97 -8.88 31.26
C PHE B 367 31.05 -9.75 31.88
N PHE B 368 30.76 -11.05 31.98
CA PHE B 368 31.71 -12.03 32.49
C PHE B 368 33.07 -11.96 31.79
N LEU B 369 33.07 -11.77 30.48
CA LEU B 369 34.30 -11.71 29.72
C LEU B 369 35.03 -10.38 29.86
N GLN B 370 34.30 -9.33 30.20
CA GLN B 370 34.91 -8.05 30.56
C GLN B 370 35.70 -8.15 31.88
N LYS B 371 35.27 -9.05 32.75
CA LYS B 371 35.81 -9.18 34.11
C LYS B 371 36.96 -10.18 34.26
N ARG B 372 37.47 -10.72 33.15
CA ARG B 372 38.61 -11.64 33.22
C ARG B 372 39.93 -10.90 33.44
N SER B 373 40.95 -11.65 33.85
CA SER B 373 42.30 -11.11 34.10
C SER B 373 43.31 -11.72 33.13
N PRO B 374 43.65 -11.00 32.05
CA PRO B 374 43.11 -9.72 31.62
C PRO B 374 41.80 -9.91 30.86
N PRO B 375 41.02 -8.83 30.69
CA PRO B 375 39.74 -8.94 29.99
C PRO B 375 39.90 -9.51 28.58
N ILE B 376 38.95 -10.34 28.17
CA ILE B 376 38.93 -10.90 26.80
C ILE B 376 38.34 -9.87 25.83
N ILE B 377 37.39 -9.06 26.32
CA ILE B 377 36.80 -7.97 25.54
C ILE B 377 36.78 -6.68 26.34
N PRO B 378 36.86 -5.53 25.64
CA PRO B 378 36.84 -4.25 26.35
C PRO B 378 35.46 -3.84 26.82
N THR B 379 35.42 -2.88 27.73
CA THR B 379 34.16 -2.31 28.19
C THR B 379 33.63 -1.34 27.13
N LEU B 380 32.36 -0.98 27.25
CA LEU B 380 31.74 -0.08 26.28
C LEU B 380 32.29 1.34 26.41
N ASP B 381 32.65 1.74 27.63
CA ASP B 381 33.33 3.02 27.86
C ASP B 381 34.72 3.04 27.21
N GLN B 382 35.44 1.92 27.25
CA GLN B 382 36.72 1.81 26.55
C GLN B 382 36.52 1.98 25.05
N LEU B 383 35.46 1.39 24.52
CA LEU B 383 35.14 1.52 23.10
C LEU B 383 34.71 2.94 22.75
N LYS B 384 33.97 3.58 23.66
CA LYS B 384 33.57 4.97 23.47
C LYS B 384 34.79 5.89 23.33
N GLU B 385 35.76 5.74 24.22
CA GLU B 385 36.95 6.60 24.22
C GLU B 385 37.93 6.31 23.07
N LEU B 386 37.78 5.16 22.42
CA LEU B 386 38.54 4.88 21.19
C LEU B 386 37.84 5.44 19.95
N ALA B 387 36.61 5.94 20.13
CA ALA B 387 35.86 6.52 19.03
C ALA B 387 36.41 7.89 18.64
N ASP B 388 35.92 8.38 17.50
CA ASP B 388 36.29 9.71 16.99
C ASP B 388 34.99 10.46 16.65
N GLU B 389 35.12 11.60 15.97
CA GLU B 389 33.95 12.37 15.56
C GLU B 389 33.12 11.62 14.52
N LYS B 390 33.78 10.82 13.69
CA LYS B 390 33.13 10.02 12.66
C LYS B 390 32.21 8.94 13.25
N ASP B 391 32.57 8.41 14.41
CA ASP B 391 31.79 7.38 15.09
C ASP B 391 30.85 7.94 16.16
N LYS B 392 30.58 9.24 16.11
CA LYS B 392 29.72 9.88 17.09
C LYS B 392 28.25 9.65 16.74
N HIS B 393 27.57 8.89 17.59
CA HIS B 393 26.13 8.71 17.49
C HIS B 393 25.49 9.08 18.83
N VAL B 394 24.54 10.00 18.80
CA VAL B 394 23.82 10.43 20.00
C VAL B 394 22.34 10.26 19.72
N ILE B 395 21.68 9.38 20.48
CA ILE B 395 20.29 9.05 20.26
C ILE B 395 19.49 9.27 21.54
N GLY B 396 18.38 9.97 21.42
CA GLY B 396 17.52 10.29 22.57
C GLY B 396 18.28 10.94 23.71
N GLY B 397 19.23 11.81 23.38
CA GLY B 397 20.07 12.50 24.37
C GLY B 397 21.33 11.75 24.73
N TYR B 398 21.22 10.44 24.93
CA TYR B 398 22.32 9.61 25.44
C TYR B 398 23.37 9.30 24.37
N ASP B 399 24.64 9.32 24.77
CA ASP B 399 25.77 9.13 23.85
C ASP B 399 26.03 7.64 23.58
N CYS B 400 25.59 7.18 22.40
CA CYS B 400 25.72 5.78 22.01
C CYS B 400 26.85 5.59 21.00
N SER B 401 28.00 6.21 21.29
CA SER B 401 29.14 6.20 20.37
C SER B 401 30.13 5.11 20.73
N PHE B 402 30.70 4.48 19.71
CA PHE B 402 31.83 3.58 19.89
C PHE B 402 32.52 3.26 18.58
N VAL B 403 33.74 2.74 18.69
CA VAL B 403 34.59 2.43 17.56
C VAL B 403 33.87 1.46 16.59
N SER B 404 34.05 1.69 15.29
CA SER B 404 33.57 0.74 14.28
C SER B 404 34.72 -0.04 13.66
N ASP B 405 35.92 0.56 13.65
CA ASP B 405 37.12 -0.09 13.14
C ASP B 405 37.69 -1.02 14.20
N LEU B 406 37.74 -2.32 13.91
CA LEU B 406 38.21 -3.31 14.88
C LEU B 406 39.72 -3.26 15.10
N SER B 407 40.46 -2.75 14.11
CA SER B 407 41.92 -2.72 14.18
C SER B 407 42.41 -1.78 15.28
N LYS B 408 41.62 -0.75 15.58
CA LYS B 408 41.98 0.21 16.62
C LYS B 408 41.83 -0.34 18.04
N ILE B 409 41.19 -1.50 18.18
CA ILE B 409 41.13 -2.20 19.46
C ILE B 409 42.37 -3.06 19.63
N LYS B 410 43.04 -2.91 20.76
CA LYS B 410 44.24 -3.67 21.05
C LYS B 410 43.83 -5.10 21.38
N PRO B 411 44.43 -6.10 20.72
CA PRO B 411 44.06 -7.50 20.99
C PRO B 411 44.23 -7.87 22.45
N THR B 412 43.34 -8.72 22.95
CA THR B 412 43.43 -9.20 24.32
C THR B 412 44.72 -9.99 24.53
N LYS B 413 45.30 -9.85 25.72
CA LYS B 413 46.46 -10.66 26.12
C LYS B 413 46.00 -11.99 26.73
N ASN B 414 44.72 -12.12 27.03
CA ASN B 414 44.16 -13.30 27.69
C ASN B 414 44.32 -14.57 26.84
N THR B 415 44.61 -15.68 27.51
CA THR B 415 44.79 -16.97 26.83
C THR B 415 44.09 -18.12 27.54
N GLU B 416 43.12 -17.80 28.41
CA GLU B 416 42.36 -18.83 29.09
C GLU B 416 41.66 -19.69 28.04
N THR B 417 41.71 -21.00 28.20
CA THR B 417 41.03 -21.90 27.29
C THR B 417 39.53 -21.93 27.61
N LEU B 418 38.75 -22.42 26.65
CA LEU B 418 37.31 -22.54 26.84
C LEU B 418 36.95 -23.49 27.98
N ASP B 419 37.80 -24.49 28.22
CA ASP B 419 37.61 -25.41 29.34
C ASP B 419 37.44 -24.61 30.63
N GLU B 420 38.41 -23.74 30.92
CA GLU B 420 38.40 -22.92 32.12
C GLU B 420 37.23 -21.94 32.09
N LEU B 421 37.04 -21.29 30.94
CA LEU B 421 36.06 -20.21 30.82
C LEU B 421 34.61 -20.68 31.02
N LEU B 422 34.29 -21.87 30.53
CA LEU B 422 32.95 -22.42 30.70
C LEU B 422 32.66 -22.67 32.17
N CYS B 423 33.56 -23.37 32.85
CA CYS B 423 33.40 -23.67 34.26
C CYS B 423 33.33 -22.40 35.09
N ASP B 424 34.22 -21.46 34.79
CA ASP B 424 34.26 -20.19 35.50
C ASP B 424 32.97 -19.39 35.33
N PHE B 425 32.39 -19.43 34.13
CA PHE B 425 31.10 -18.75 33.91
C PHE B 425 30.07 -19.26 34.92
N PHE B 426 29.92 -20.57 34.97
CA PHE B 426 29.02 -21.18 35.95
C PHE B 426 29.43 -20.85 37.37
N GLN B 427 30.72 -20.95 37.67
CA GLN B 427 31.22 -20.64 39.01
C GLN B 427 30.90 -19.19 39.38
N TYR B 428 31.20 -18.27 38.48
CA TYR B 428 31.04 -16.86 38.72
C TYR B 428 29.60 -16.47 39.02
N PHE B 429 28.70 -16.77 38.08
CA PHE B 429 27.29 -16.41 38.24
C PHE B 429 26.55 -17.32 39.21
N GLY B 430 27.08 -18.52 39.42
CA GLY B 430 26.56 -19.41 40.45
C GLY B 430 26.73 -18.83 41.85
N ASN B 431 27.72 -17.97 42.02
CA ASN B 431 28.01 -17.36 43.32
C ASN B 431 27.93 -15.83 43.32
N PHE B 432 27.35 -15.28 42.26
CA PHE B 432 27.14 -13.84 42.15
C PHE B 432 25.98 -13.43 43.05
N ASP B 433 26.14 -12.31 43.77
CA ASP B 433 25.09 -11.80 44.66
C ASP B 433 24.13 -10.89 43.87
N PHE B 434 23.05 -11.49 43.39
CA PHE B 434 22.11 -10.79 42.54
C PHE B 434 21.21 -9.80 43.29
N ARG B 435 20.97 -10.06 44.56
CA ARG B 435 20.11 -9.18 45.37
C ARG B 435 20.78 -7.82 45.65
N LYS B 436 22.12 -7.82 45.75
CA LYS B 436 22.87 -6.60 46.06
C LYS B 436 23.53 -5.94 44.85
N ASN B 437 23.79 -6.71 43.79
CA ASN B 437 24.57 -6.22 42.65
C ASN B 437 23.88 -6.27 41.29
N SER B 438 24.35 -5.40 40.39
CA SER B 438 23.85 -5.31 39.03
C SER B 438 25.01 -5.32 38.04
N LEU B 439 24.74 -5.71 36.80
CA LEU B 439 25.75 -5.80 35.75
C LEU B 439 25.77 -4.56 34.88
N ASN B 440 26.86 -3.79 34.96
CA ASN B 440 27.04 -2.62 34.13
C ASN B 440 28.09 -2.90 33.08
N LEU B 441 27.66 -3.02 31.82
CA LEU B 441 28.58 -3.30 30.73
C LEU B 441 29.39 -2.08 30.27
N ARG B 442 28.93 -0.89 30.60
CA ARG B 442 29.70 0.32 30.29
C ARG B 442 30.96 0.37 31.15
N LYS B 443 30.77 0.21 32.46
CA LYS B 443 31.86 0.20 33.42
C LYS B 443 32.62 -1.14 33.43
N GLY B 444 31.91 -2.22 33.15
CA GLY B 444 32.47 -3.57 33.30
C GLY B 444 32.62 -3.93 34.76
N LYS B 445 31.71 -3.43 35.58
CA LYS B 445 31.80 -3.57 37.03
C LYS B 445 30.48 -3.95 37.66
N GLU B 446 30.56 -4.70 38.75
CA GLU B 446 29.41 -4.92 39.63
C GLU B 446 29.12 -3.60 40.33
N VAL B 447 27.86 -3.17 40.32
CA VAL B 447 27.47 -1.91 40.97
C VAL B 447 26.13 -2.07 41.69
N ASN B 448 25.82 -1.11 42.55
CA ASN B 448 24.54 -1.09 43.26
C ASN B 448 23.38 -0.98 42.30
N LYS B 449 22.27 -1.63 42.65
CA LYS B 449 21.10 -1.68 41.78
C LYS B 449 20.32 -0.37 41.87
N PRO B 450 20.04 0.25 40.71
CA PRO B 450 19.17 1.44 40.70
C PRO B 450 17.76 1.21 41.22
N GLU B 451 17.28 -0.03 41.23
CA GLU B 451 15.95 -0.35 41.74
C GLU B 451 15.82 -1.82 42.16
N SER B 452 14.90 -2.08 43.09
CA SER B 452 14.61 -3.44 43.54
C SER B 452 14.04 -4.29 42.43
N SER B 453 14.90 -5.09 41.81
CA SER B 453 14.50 -6.03 40.78
C SER B 453 15.41 -7.26 40.86
N PRO B 454 14.83 -8.47 40.86
CA PRO B 454 15.64 -9.69 41.06
C PRO B 454 16.98 -9.71 40.32
N LEU B 455 16.94 -9.51 39.00
CA LEU B 455 18.13 -9.52 38.16
C LEU B 455 18.21 -8.21 37.38
N TYR B 456 19.17 -7.36 37.74
CA TYR B 456 19.32 -6.06 37.09
C TYR B 456 20.54 -6.04 36.16
N ILE B 457 20.29 -5.85 34.87
CA ILE B 457 21.36 -5.67 33.88
C ILE B 457 21.16 -4.30 33.20
N TRP B 458 22.12 -3.41 33.41
CA TRP B 458 22.05 -2.05 32.90
C TRP B 458 22.00 -2.06 31.38
N ASN B 459 21.03 -1.37 30.81
CA ASN B 459 20.99 -1.14 29.36
C ASN B 459 22.10 -0.17 29.00
N PRO B 460 23.05 -0.60 28.17
CA PRO B 460 24.20 0.24 27.89
C PRO B 460 23.92 1.51 27.08
N PHE B 461 22.73 1.60 26.47
CA PHE B 461 22.41 2.76 25.62
C PHE B 461 21.24 3.60 26.11
N GLU B 462 20.70 3.27 27.28
CA GLU B 462 19.58 4.04 27.84
C GLU B 462 19.68 4.26 29.33
N GLN B 463 19.62 5.53 29.73
CA GLN B 463 19.48 5.96 31.12
C GLN B 463 18.55 5.02 31.86
N ASP B 464 18.94 4.64 33.07
CA ASP B 464 18.19 3.72 33.92
C ASP B 464 17.13 2.88 33.21
N LEU B 465 17.60 1.82 32.57
CA LEU B 465 16.71 0.82 31.99
C LEU B 465 17.33 -0.56 32.26
N ASN B 466 16.53 -1.47 32.81
CA ASN B 466 16.95 -2.84 33.09
C ASN B 466 16.46 -3.73 31.96
N ILE B 467 17.41 -4.30 31.22
CA ILE B 467 17.07 -5.15 30.08
C ILE B 467 16.45 -6.50 30.50
N SER B 468 16.66 -6.89 31.75
CA SER B 468 16.14 -8.14 32.28
C SER B 468 15.11 -7.89 33.38
N LYS B 469 14.35 -6.81 33.24
CA LYS B 469 13.35 -6.42 34.24
C LYS B 469 12.23 -7.46 34.37
N ASN B 470 11.96 -8.18 33.29
CA ASN B 470 10.94 -9.23 33.29
C ASN B 470 11.19 -10.37 34.29
N VAL B 471 12.44 -10.59 34.64
CA VAL B 471 12.83 -11.79 35.37
C VAL B 471 12.42 -11.73 36.84
N ASN B 472 11.69 -12.75 37.28
CA ASN B 472 11.23 -12.88 38.68
C ASN B 472 12.27 -13.60 39.55
N GLN B 473 11.98 -13.73 40.84
CA GLN B 473 12.90 -14.38 41.79
C GLN B 473 13.03 -15.90 41.58
N PRO B 474 11.90 -16.61 41.36
CA PRO B 474 11.98 -18.05 41.09
C PRO B 474 12.86 -18.44 39.89
N GLN B 475 12.67 -17.76 38.76
CA GLN B 475 13.42 -18.08 37.55
C GLN B 475 14.92 -17.82 37.73
N LEU B 476 15.24 -16.72 38.41
CA LEU B 476 16.63 -16.39 38.72
C LEU B 476 17.26 -17.47 39.60
N GLU B 477 16.51 -17.91 40.61
CA GLU B 477 17.02 -18.95 41.52
C GLU B 477 17.23 -20.28 40.81
N LYS B 478 16.39 -20.58 39.83
CA LYS B 478 16.53 -21.81 39.03
C LYS B 478 17.76 -21.73 38.13
N PHE B 479 18.05 -20.52 37.61
CA PHE B 479 19.27 -20.28 36.84
C PHE B 479 20.50 -20.47 37.71
N VAL B 480 20.48 -19.88 38.90
CA VAL B 480 21.61 -20.00 39.82
C VAL B 480 21.86 -21.45 40.21
N ALA B 481 20.80 -22.19 40.51
CA ALA B 481 20.92 -23.61 40.86
C ALA B 481 21.51 -24.43 39.71
N MET B 482 21.02 -24.19 38.50
CA MET B 482 21.50 -24.91 37.32
C MET B 482 22.99 -24.63 37.06
N ALA B 483 23.37 -23.36 37.18
CA ALA B 483 24.77 -22.96 37.03
C ALA B 483 25.66 -23.64 38.08
N ARG B 484 25.19 -23.68 39.31
CA ARG B 484 25.94 -24.34 40.38
C ARG B 484 26.11 -25.84 40.14
N GLU B 485 25.02 -26.51 39.75
CA GLU B 485 25.10 -27.92 39.39
C GLU B 485 26.05 -28.12 38.21
N SER B 486 25.95 -27.26 37.21
CA SER B 486 26.80 -27.37 36.03
C SER B 486 28.28 -27.24 36.37
N ALA B 487 28.60 -26.28 37.24
CA ALA B 487 29.96 -26.11 37.74
C ALA B 487 30.43 -27.34 38.50
N TRP B 488 29.59 -27.86 39.40
CA TRP B 488 29.93 -29.05 40.18
C TRP B 488 30.25 -30.24 39.27
N ILE B 489 29.40 -30.46 38.27
CA ILE B 489 29.59 -31.59 37.35
C ILE B 489 30.93 -31.49 36.64
N LEU B 490 31.21 -30.35 36.03
CA LEU B 490 32.46 -30.15 35.30
C LEU B 490 33.69 -30.23 36.20
N GLN B 491 33.59 -29.65 37.40
CA GLN B 491 34.72 -29.64 38.35
C GLN B 491 35.08 -31.04 38.86
N LYS B 492 34.08 -31.85 39.14
CA LYS B 492 34.29 -33.13 39.81
C LYS B 492 33.81 -34.30 38.97
N GLU B 493 34.29 -34.37 37.73
CA GLU B 493 34.02 -35.52 36.86
C GLU B 493 35.32 -36.13 36.35
N ASP B 494 35.26 -37.43 36.07
CA ASP B 494 36.37 -38.14 35.47
C ASP B 494 36.10 -38.22 33.96
N LYS B 495 36.77 -37.36 33.19
CA LYS B 495 36.56 -37.31 31.75
C LYS B 495 37.01 -38.59 31.05
N THR B 496 38.16 -39.11 31.46
CA THR B 496 38.70 -40.34 30.89
C THR B 496 37.79 -41.53 31.19
N GLN B 497 37.41 -41.70 32.45
CA GLN B 497 36.54 -42.81 32.86
C GLN B 497 35.16 -42.75 32.21
N GLN B 498 34.67 -41.55 31.92
CA GLN B 498 33.39 -41.38 31.22
C GLN B 498 33.50 -41.75 29.74
N MET B 499 34.61 -41.36 29.10
CA MET B 499 34.87 -41.75 27.71
C MET B 499 34.93 -43.27 27.60
N ILE B 500 35.72 -43.90 28.47
CA ILE B 500 35.84 -45.36 28.53
C ILE B 500 34.46 -46.02 28.66
N ASN B 501 33.62 -45.47 29.54
CA ASN B 501 32.27 -46.01 29.76
C ASN B 501 31.24 -45.62 28.70
N LYS B 502 31.66 -44.86 27.69
CA LYS B 502 30.78 -44.37 26.62
C LYS B 502 29.61 -43.55 27.19
N GLU B 503 29.93 -42.63 28.10
CA GLU B 503 28.94 -41.79 28.76
C GLU B 503 29.16 -40.32 28.40
N PRO B 504 28.21 -39.44 28.76
CA PRO B 504 28.40 -38.02 28.50
C PRO B 504 29.46 -37.38 29.41
N TRP B 505 30.22 -36.46 28.85
CA TRP B 505 31.28 -35.79 29.59
C TRP B 505 31.50 -34.36 29.06
N GLY B 506 32.00 -33.48 29.93
CA GLY B 506 32.27 -32.10 29.54
C GLY B 506 31.00 -31.36 29.14
N LEU B 507 31.07 -30.62 28.04
CA LEU B 507 29.93 -29.90 27.52
C LEU B 507 28.71 -30.79 27.36
N ALA B 508 28.91 -32.02 26.92
CA ALA B 508 27.80 -32.96 26.72
C ALA B 508 27.11 -33.30 28.04
N ALA B 509 27.87 -33.36 29.12
CA ALA B 509 27.31 -33.68 30.43
C ALA B 509 26.39 -32.57 30.95
N VAL B 510 26.64 -31.34 30.54
CA VAL B 510 25.82 -30.21 30.97
C VAL B 510 24.71 -29.88 29.98
N LEU B 511 24.70 -30.55 28.83
CA LEU B 511 23.65 -30.36 27.83
C LEU B 511 22.64 -31.51 27.82
N ILE B 512 22.42 -32.13 28.98
CA ILE B 512 21.37 -33.13 29.17
C ILE B 512 20.68 -32.87 30.51
N PRO B 513 19.36 -33.11 30.59
CA PRO B 513 18.64 -32.83 31.84
C PRO B 513 19.26 -33.46 33.08
N PHE B 514 19.10 -32.82 34.23
CA PHE B 514 19.66 -33.32 35.49
C PHE B 514 18.64 -34.13 36.28
PA UTP C . -25.97 7.57 -10.32
O1A UTP C . -27.44 7.63 -9.96
O2A UTP C . -24.94 8.15 -9.38
O3A UTP C . -25.79 8.20 -11.80
O5' UTP C . -25.59 6.02 -10.57
PB UTP C . -25.37 9.73 -12.10
O1B UTP C . -24.00 9.97 -11.48
O2B UTP C . -25.55 9.96 -13.58
O3B UTP C . -26.50 10.61 -11.34
PG UTP C . -26.28 11.69 -10.15
O1G UTP C . -25.11 11.16 -9.35
O2G UTP C . -26.02 12.99 -10.84
O3G UTP C . -27.58 11.66 -9.39
C5' UTP C . -24.32 5.69 -11.13
C4' UTP C . -24.47 4.95 -12.46
O4' UTP C . -24.80 3.57 -12.27
C1' UTP C . -25.61 3.11 -13.36
C2' UTP C . -25.89 4.32 -14.24
O2' UTP C . -25.06 4.29 -15.41
C3' UTP C . -25.55 5.51 -13.38
O3' UTP C . -25.08 6.63 -14.14
N1 UTP C . -26.87 2.54 -12.88
C6 UTP C . -27.55 3.13 -11.87
C2 UTP C . -27.42 1.37 -13.49
O2 UTP C . -26.82 0.81 -14.43
N3 UTP C . -28.58 0.85 -13.05
C4 UTP C . -29.25 1.43 -12.04
O4 UTP C . -30.32 0.94 -11.65
C5 UTP C . -28.75 2.57 -11.42
MG MG D . -23.42 9.53 -8.02
PA UTP E . 15.57 -10.45 20.12
O1A UTP E . 15.44 -10.68 21.61
O2A UTP E . 14.71 -11.23 19.16
O3A UTP E . 17.13 -10.61 19.75
O5' UTP E . 15.31 -8.89 19.87
PB UTP E . 17.70 -11.71 18.72
O1B UTP E . 16.79 -11.79 17.52
O2B UTP E . 19.16 -11.36 18.48
O3B UTP E . 17.66 -13.07 19.60
PG UTP E . 16.88 -14.45 19.24
O1G UTP E . 15.57 -14.03 18.63
O2G UTP E . 17.78 -15.19 18.27
O3G UTP E . 16.74 -15.11 20.59
C5' UTP E . 15.77 -8.25 18.68
C4' UTP E . 16.63 -7.05 19.03
O4' UTP E . 15.96 -6.18 19.95
C1' UTP E . 16.94 -5.46 20.72
C2' UTP E . 18.27 -6.14 20.47
O2' UTP E . 19.13 -5.29 19.70
C3' UTP E . 17.96 -7.39 19.69
O3' UTP E . 18.96 -7.69 18.72
N1 UTP E . 16.61 -5.46 22.16
C6 UTP E . 15.96 -6.49 22.72
C2 UTP E . 16.97 -4.34 22.96
O2 UTP E . 17.57 -3.36 22.47
N3 UTP E . 16.67 -4.33 24.29
C4 UTP E . 16.03 -5.36 24.85
O4 UTP E . 15.77 -5.33 26.08
C5 UTP E . 15.67 -6.47 24.10
MG MG F . 16.36 -13.11 15.57
#